data_8U6L
#
_entry.id   8U6L
#
_cell.length_a   222.881
_cell.length_b   67.633
_cell.length_c   103.709
_cell.angle_alpha   90.000
_cell.angle_beta   107.880
_cell.angle_gamma   90.000
#
_symmetry.space_group_name_H-M   'C 1 2 1'
#
loop_
_entity.id
_entity.type
_entity.pdbx_description
1 polymer 'Reverse transcriptase/ribonuclease H'
2 polymer 'p51 RT'
3 non-polymer N-(2-{5-chloro-2-[(6-cyanonaphthalen-1-yl)oxy]phenoxy}ethyl)-N-methylprop-2-enamide
4 non-polymer 'MAGNESIUM ION'
5 water water
#
loop_
_entity_poly.entity_id
_entity_poly.type
_entity_poly.pdbx_seq_one_letter_code
_entity_poly.pdbx_strand_id
1 'polypeptide(L)'
;MVPISPIETVPVKLKPGMDGPKVKQWPLTEEKIKALVEICTEMEKEGKISKIGPENPYNTPVFAIKKKDSTKWRKLVDFR
ELNKRTQDFWEVQLGIPHPAGLKKKKSVTVLDVGDAYFSVPLDEDFRKYTAFTIPSINNETPGIRYQYNVLPQGWKGSPA
IFQSSMTKILEPFAAQNPDIVIYQYMDDLYVGSDLEIGQHRTKIEELRQHLLRWGLTTPDKKHQKEPPFLWMGYELHPDK
WTVQPIVLPEKDSWTVNDIQKLVGKLNWASQIYPGIKVRQLSKLLRGTKALTEVIPLTEEAELELAENREILKEPVHGVY
YDPSKDLIAEIQKQGQGQWTYQIYQEPFKNLKTGKYARMRGAHTNDVKQLTEAVQKITTESIVIWGKTPKFKLPIQKETW
ETWWTEYWQATWIPEWEFVNTPPLVKLWYQLEKEPIVGAETFYVDGAANRETKLGKAGYVTNKGRQKVVPLTNTTNQKTE
LQAIYLALQDSGLEVNIVTDSQYALGIIQAQPDKSESELVNQIIEQLIKKEKVYLAWVPAHKGIGGNEQVDKLVSAG
;
A
2 'polypeptide(L)'
;PISPIETVPVKLKPGMDGPKVKQWPLTEEKIKALVEICTEMEKEGKISKIGPENPYNTPVFAIKKKDSTKWRKLVDFREL
NKRTQDFWEVQLGIPHPAGLKKKKSVTVLDVGDAYFSVPLDEDFRKYTAFTIPSINNETPGIRYQYNVLPQGWKGSPAIF
QSSMTKILEPFKKQNPDIVIYQYMDDLYVGSDLEIGQHRTKIEELRQHLLRWGLTTPDKKHQKEPPFLWMGYELHPDKWT
VQPIVLPEKDSWTVNDIQKLVGKLNWASQIYPGIKVRQLSKLLRGTKALTEVIPLTEEAELELAENREILKEPVHGVYYD
PSKDLIAEIQKQGQGQWTYQIYQEPFKNLKTGKYARMRGAHTNDVKQLTEAVQKITTESIVIWGKTPKFKLPIQKETWET
WWTEYWQATWIPEWEFVNTPPLVKLWYQ
;
B
#
loop_
_chem_comp.id
_chem_comp.type
_chem_comp.name
_chem_comp.formula
MG non-polymer 'MAGNESIUM ION' 'Mg 2'
VRQ non-polymer N-(2-{5-chloro-2-[(6-cyanonaphthalen-1-yl)oxy]phenoxy}ethyl)-N-methylprop-2-enamide 'C23 H19 Cl N2 O3'
#
# COMPACT_ATOMS: atom_id res chain seq x y z
N PRO A 3 1.95 40.95 18.43
CA PRO A 3 0.87 41.43 17.56
C PRO A 3 -0.16 40.34 17.24
N ILE A 4 -1.45 40.65 17.36
CA ILE A 4 -2.54 39.72 17.06
C ILE A 4 -3.06 40.01 15.65
N SER A 5 -3.61 38.99 15.00
CA SER A 5 -3.97 39.01 13.58
C SER A 5 -5.46 39.35 13.37
N PRO A 6 -5.76 40.18 12.31
CA PRO A 6 -7.15 40.35 11.84
C PRO A 6 -7.51 39.21 10.90
N ILE A 7 -6.72 38.14 10.98
CA ILE A 7 -7.09 36.92 10.29
C ILE A 7 -8.39 36.41 10.88
N GLU A 8 -9.22 35.82 10.04
CA GLU A 8 -10.45 35.24 10.53
C GLU A 8 -10.14 34.00 11.34
N THR A 9 -11.07 33.63 12.21
CA THR A 9 -10.84 32.50 13.08
C THR A 9 -11.43 31.25 12.48
N VAL A 10 -10.77 30.15 12.79
CA VAL A 10 -11.29 28.80 12.50
C VAL A 10 -12.27 28.42 13.60
N PRO A 11 -13.50 28.01 13.29
CA PRO A 11 -14.41 27.57 14.34
C PRO A 11 -13.97 26.24 14.92
N VAL A 12 -14.24 26.08 16.22
CA VAL A 12 -13.74 24.92 16.97
C VAL A 12 -14.85 24.40 17.85
N LYS A 13 -14.92 23.08 17.97
CA LYS A 13 -15.92 22.43 18.80
C LYS A 13 -15.25 21.42 19.70
N LEU A 14 -15.87 21.17 20.84
CA LEU A 14 -15.47 20.01 21.62
C LEU A 14 -16.07 18.76 21.03
N LYS A 15 -15.45 17.62 21.34
CA LYS A 15 -15.99 16.34 20.88
C LYS A 15 -17.41 16.17 21.41
N PRO A 16 -18.33 15.74 20.56
CA PRO A 16 -19.75 15.78 20.95
C PRO A 16 -19.98 15.08 22.28
N GLY A 17 -20.75 15.74 23.14
CA GLY A 17 -21.06 15.19 24.45
C GLY A 17 -20.02 15.39 25.52
N MET A 18 -18.93 16.12 25.24
CA MET A 18 -17.95 16.47 26.24
C MET A 18 -18.07 17.95 26.60
N ASP A 19 -17.73 18.27 27.86
CA ASP A 19 -17.67 19.65 28.31
C ASP A 19 -16.22 20.04 28.60
N GLY A 20 -16.03 21.29 29.02
CA GLY A 20 -14.71 21.87 29.20
C GLY A 20 -13.99 21.43 30.46
N PRO A 21 -12.66 21.47 30.46
CA PRO A 21 -11.90 20.93 31.59
C PRO A 21 -12.12 21.72 32.86
N LYS A 22 -12.05 21.01 33.98
CA LYS A 22 -12.20 21.57 35.33
C LYS A 22 -11.13 20.99 36.24
N VAL A 23 -9.88 21.03 35.79
CA VAL A 23 -8.74 20.53 36.55
C VAL A 23 -8.34 21.58 37.60
N LYS A 24 -8.33 21.17 38.87
CA LYS A 24 -8.05 22.10 39.96
C LYS A 24 -6.60 22.59 39.88
N GLN A 25 -6.39 23.80 40.37
CA GLN A 25 -5.09 24.47 40.31
C GLN A 25 -4.27 24.11 41.55
N TRP A 26 -3.16 23.39 41.33
CA TRP A 26 -2.26 23.09 42.44
C TRP A 26 -1.65 24.38 42.98
N PRO A 27 -1.42 24.49 44.28
CA PRO A 27 -0.89 25.74 44.84
C PRO A 27 0.58 25.94 44.48
N LEU A 28 0.99 27.20 44.46
CA LEU A 28 2.31 27.57 43.96
C LEU A 28 3.06 28.42 44.99
N THR A 29 4.39 28.42 44.85
CA THR A 29 5.25 29.25 45.69
C THR A 29 5.00 30.73 45.35
N GLU A 30 5.15 31.59 46.37
CA GLU A 30 4.89 33.01 46.18
C GLU A 30 5.81 33.62 45.12
N GLU A 31 6.98 33.05 44.85
CA GLU A 31 7.78 33.61 43.76
C GLU A 31 7.21 33.24 42.39
N LYS A 32 6.82 31.98 42.22
CA LYS A 32 6.17 31.60 40.97
C LYS A 32 4.88 32.37 40.76
N ILE A 33 4.16 32.66 41.86
CA ILE A 33 2.90 33.40 41.77
C ILE A 33 3.12 34.84 41.34
N LYS A 34 4.22 35.46 41.78
CA LYS A 34 4.55 36.79 41.30
C LYS A 34 4.99 36.77 39.85
N ALA A 35 5.71 35.73 39.43
CA ALA A 35 6.12 35.63 38.04
C ALA A 35 4.90 35.62 37.11
N LEU A 36 3.90 34.80 37.44
CA LEU A 36 2.73 34.70 36.57
C LEU A 36 1.95 36.00 36.52
N VAL A 37 1.87 36.71 37.65
CA VAL A 37 1.15 37.98 37.65
C VAL A 37 1.78 38.95 36.68
N GLU A 38 3.11 38.98 36.62
CA GLU A 38 3.76 39.92 35.73
C GLU A 38 3.71 39.47 34.28
N ILE A 39 3.85 38.16 34.03
CA ILE A 39 3.69 37.65 32.66
C ILE A 39 2.26 37.85 32.18
N CYS A 40 1.27 37.56 33.04
CA CYS A 40 -0.13 37.67 32.64
C CYS A 40 -0.54 39.12 32.39
N THR A 41 -0.01 40.07 33.17
CA THR A 41 -0.36 41.46 32.88
C THR A 41 0.30 41.93 31.59
N GLU A 42 1.54 41.49 31.31
CA GLU A 42 2.13 41.83 30.02
C GLU A 42 1.35 41.19 28.87
N MET A 43 0.82 39.98 29.10
CA MET A 43 0.00 39.32 28.08
C MET A 43 -1.39 39.93 28.00
N GLU A 44 -1.94 40.37 29.12
CA GLU A 44 -3.22 41.07 29.06
C GLU A 44 -3.09 42.32 28.20
N LYS A 45 -2.01 43.06 28.40
CA LYS A 45 -1.82 44.32 27.69
C LYS A 45 -1.81 44.12 26.19
N GLU A 46 -1.22 43.03 25.73
CA GLU A 46 -1.09 42.76 24.31
C GLU A 46 -2.32 42.07 23.72
N GLY A 47 -3.39 41.95 24.50
CA GLY A 47 -4.59 41.29 24.05
C GLY A 47 -4.53 39.77 24.00
N LYS A 48 -3.39 39.16 24.34
CA LYS A 48 -3.27 37.72 24.20
C LYS A 48 -4.20 36.97 25.16
N ILE A 49 -4.48 37.52 26.34
CA ILE A 49 -5.43 36.93 27.26
C ILE A 49 -6.28 38.04 27.86
N SER A 50 -7.43 37.66 28.43
CA SER A 50 -8.34 38.61 29.04
C SER A 50 -8.81 38.12 30.40
N LYS A 51 -8.92 39.05 31.36
CA LYS A 51 -9.46 38.69 32.68
C LYS A 51 -10.96 38.43 32.55
N ILE A 52 -11.42 37.33 33.17
CA ILE A 52 -12.77 36.85 33.00
C ILE A 52 -13.51 36.91 34.33
N GLY A 53 -14.84 36.97 34.22
CA GLY A 53 -15.72 37.02 35.36
C GLY A 53 -15.62 35.77 36.21
N PRO A 54 -16.59 35.56 37.08
CA PRO A 54 -16.52 34.39 37.96
C PRO A 54 -17.37 33.24 37.44
N GLU A 55 -18.17 33.50 36.42
CA GLU A 55 -19.16 32.55 35.93
C GLU A 55 -18.57 31.49 35.00
N ASN A 56 -17.31 31.63 34.63
CA ASN A 56 -16.68 30.60 33.81
C ASN A 56 -16.39 29.38 34.67
N PRO A 57 -16.97 28.22 34.36
CA PRO A 57 -16.79 27.04 35.22
C PRO A 57 -15.57 26.19 34.92
N TYR A 58 -14.62 26.67 34.11
CA TYR A 58 -13.58 25.82 33.57
C TYR A 58 -12.21 26.17 34.17
N ASN A 59 -11.28 25.23 34.12
CA ASN A 59 -9.93 25.57 34.54
C ASN A 59 -8.95 24.55 34.01
N THR A 60 -7.69 24.98 33.92
CA THR A 60 -6.58 24.22 33.41
C THR A 60 -5.39 24.64 34.27
N PRO A 61 -4.64 23.71 34.85
CA PRO A 61 -3.53 24.11 35.73
C PRO A 61 -2.47 24.91 34.99
N VAL A 62 -1.82 25.82 35.72
CA VAL A 62 -0.73 26.63 35.17
C VAL A 62 0.44 26.58 36.13
N PHE A 63 1.65 26.76 35.59
CA PHE A 63 2.88 26.65 36.37
C PHE A 63 3.87 27.70 35.88
N ALA A 64 5.04 27.74 36.53
CA ALA A 64 6.12 28.64 36.14
C ALA A 64 7.46 27.92 36.29
N ILE A 65 8.45 28.40 35.56
CA ILE A 65 9.75 27.73 35.50
C ILE A 65 10.75 28.66 34.82
N LYS A 66 12.04 28.45 35.11
CA LYS A 66 13.10 29.22 34.49
C LYS A 66 14.20 28.28 33.99
N THR A 71 18.57 34.48 32.38
CA THR A 71 17.38 34.06 33.10
C THR A 71 16.13 34.74 32.55
N LYS A 72 15.04 33.97 32.54
CA LYS A 72 13.72 34.49 32.24
C LYS A 72 12.70 33.45 32.65
N TRP A 73 11.71 33.84 33.45
CA TRP A 73 10.63 32.92 33.76
C TRP A 73 9.75 32.74 32.52
N ARG A 74 9.19 31.54 32.38
CA ARG A 74 8.26 31.22 31.30
C ARG A 74 7.02 30.59 31.90
N LYS A 75 5.85 30.99 31.38
CA LYS A 75 4.59 30.41 31.82
C LYS A 75 4.28 29.15 31.02
N LEU A 76 3.81 28.11 31.71
CA LEU A 76 3.46 26.85 31.06
C LEU A 76 2.12 26.37 31.58
N VAL A 77 1.25 25.94 30.66
CA VAL A 77 -0.10 25.48 30.97
C VAL A 77 -0.24 24.02 30.55
N ASP A 78 -0.95 23.23 31.36
CA ASP A 78 -1.15 21.81 31.13
C ASP A 78 -2.53 21.61 30.49
N PHE A 79 -2.56 21.56 29.16
CA PHE A 79 -3.81 21.44 28.44
C PHE A 79 -4.21 19.98 28.17
N ARG A 80 -3.53 19.02 28.78
CA ARG A 80 -3.84 17.60 28.59
C ARG A 80 -5.34 17.33 28.63
N GLU A 81 -6.05 17.86 29.63
CA GLU A 81 -7.45 17.52 29.76
C GLU A 81 -8.30 18.21 28.68
N LEU A 82 -7.94 19.44 28.30
CA LEU A 82 -8.69 20.11 27.24
C LEU A 82 -8.43 19.45 25.89
N ASN A 83 -7.17 19.09 25.63
CA ASN A 83 -6.82 18.40 24.39
C ASN A 83 -7.57 17.09 24.25
N LYS A 84 -7.77 16.35 25.35
CA LYS A 84 -8.58 15.14 25.25
C LYS A 84 -10.01 15.46 24.84
N ARG A 85 -10.48 16.67 25.10
CA ARG A 85 -11.89 17.00 24.88
C ARG A 85 -12.15 17.79 23.60
N THR A 86 -11.13 18.30 22.92
CA THR A 86 -11.41 19.10 21.73
C THR A 86 -11.42 18.20 20.48
N GLN A 87 -12.16 18.64 19.47
CA GLN A 87 -12.34 17.87 18.25
C GLN A 87 -10.98 17.53 17.64
N ASP A 88 -11.01 16.61 16.68
CA ASP A 88 -9.82 16.33 15.89
C ASP A 88 -9.69 17.37 14.80
N PHE A 89 -8.43 17.62 14.39
CA PHE A 89 -8.10 18.55 13.34
C PHE A 89 -7.45 17.80 12.18
N TRP A 90 -7.32 18.46 11.03
CA TRP A 90 -6.60 17.82 9.94
C TRP A 90 -5.15 17.67 10.37
N GLU A 91 -4.69 16.43 10.49
CA GLU A 91 -3.34 16.18 10.95
C GLU A 91 -2.36 17.12 10.25
N VAL A 92 -1.60 17.87 11.03
CA VAL A 92 -0.56 18.74 10.49
C VAL A 92 0.52 17.87 9.84
N GLN A 93 1.42 18.51 9.09
CA GLN A 93 2.36 17.75 8.28
C GLN A 93 3.23 16.85 9.14
N LEU A 94 3.24 15.56 8.82
CA LEU A 94 4.07 14.61 9.55
C LEU A 94 5.44 14.49 8.92
N GLY A 95 5.51 14.02 7.68
CA GLY A 95 6.76 14.04 6.95
C GLY A 95 7.37 15.43 6.90
N ILE A 96 8.65 15.47 6.57
CA ILE A 96 9.38 16.72 6.39
C ILE A 96 10.08 16.67 5.04
N PRO A 97 10.37 17.83 4.45
CA PRO A 97 10.99 17.84 3.12
C PRO A 97 12.33 17.11 3.15
N HIS A 98 12.62 16.40 2.06
CA HIS A 98 13.91 15.74 2.17
C HIS A 98 14.95 16.55 1.44
N PRO A 99 16.08 16.87 2.07
CA PRO A 99 17.08 17.72 1.41
C PRO A 99 17.38 17.27 0.00
N ALA A 100 17.34 15.98 -0.29
CA ALA A 100 17.66 15.64 -1.67
C ALA A 100 16.59 16.07 -2.66
N GLY A 101 15.42 16.49 -2.18
CA GLY A 101 14.35 16.98 -3.06
C GLY A 101 14.28 18.49 -3.28
N LEU A 102 14.93 19.27 -2.42
CA LEU A 102 15.01 20.72 -2.58
C LEU A 102 15.69 21.10 -3.89
N LYS A 103 15.07 22.00 -4.63
CA LYS A 103 15.66 22.48 -5.86
C LYS A 103 16.76 23.49 -5.56
N LYS A 104 17.84 23.43 -6.33
CA LYS A 104 18.94 24.37 -6.15
C LYS A 104 18.45 25.80 -6.38
N LYS A 105 18.77 26.69 -5.45
CA LYS A 105 18.37 28.09 -5.58
C LYS A 105 19.54 29.00 -5.27
N LYS A 106 19.62 30.11 -6.03
CA LYS A 106 20.70 31.07 -5.84
C LYS A 106 20.68 31.67 -4.45
N SER A 107 19.52 32.08 -3.96
CA SER A 107 19.44 32.69 -2.65
C SER A 107 18.38 32.01 -1.80
N VAL A 108 18.64 31.92 -0.51
CA VAL A 108 17.73 31.27 0.41
C VAL A 108 17.75 31.99 1.74
N THR A 109 16.57 32.22 2.31
CA THR A 109 16.44 32.94 3.56
C THR A 109 15.60 32.13 4.53
N VAL A 110 15.92 32.24 5.81
CA VAL A 110 15.20 31.57 6.87
C VAL A 110 14.62 32.63 7.81
N LEU A 111 13.30 32.73 7.83
CA LEU A 111 12.57 33.57 8.78
C LEU A 111 11.93 32.73 9.87
N ASP A 112 12.24 33.02 11.14
CA ASP A 112 11.56 32.45 12.29
C ASP A 112 10.44 33.40 12.71
N VAL A 113 9.20 32.95 12.62
CA VAL A 113 8.07 33.73 13.13
C VAL A 113 8.09 33.67 14.65
N GLY A 114 8.19 34.84 15.30
CA GLY A 114 8.24 34.88 16.74
C GLY A 114 6.85 34.84 17.36
N ASP A 115 6.74 34.17 18.50
CA ASP A 115 5.47 34.12 19.21
C ASP A 115 4.35 33.74 18.23
N ALA A 116 4.66 32.78 17.37
CA ALA A 116 3.77 32.50 16.24
C ALA A 116 2.35 32.23 16.72
N TYR A 117 2.18 31.29 17.64
CA TYR A 117 0.83 30.94 18.06
C TYR A 117 0.12 32.13 18.68
N PHE A 118 0.82 32.88 19.54
CA PHE A 118 0.18 34.00 20.23
C PHE A 118 -0.21 35.12 19.27
N SER A 119 0.25 35.07 18.03
CA SER A 119 -0.10 36.04 17.01
C SER A 119 -1.39 35.71 16.27
N VAL A 120 -2.16 34.72 16.72
CA VAL A 120 -3.29 34.27 15.90
C VAL A 120 -4.52 34.19 16.79
N PRO A 121 -5.63 34.75 16.38
CA PRO A 121 -6.81 34.78 17.24
C PRO A 121 -7.40 33.40 17.37
N LEU A 122 -8.09 33.19 18.49
CA LEU A 122 -8.72 31.92 18.80
C LEU A 122 -10.23 32.08 18.75
N ASP A 123 -10.92 31.12 18.12
CA ASP A 123 -12.38 31.19 17.98
C ASP A 123 -13.03 31.73 19.23
N GLU A 124 -13.98 32.66 19.06
CA GLU A 124 -14.58 33.33 20.21
C GLU A 124 -15.28 32.34 21.14
N ASP A 125 -16.21 31.54 20.60
CA ASP A 125 -16.99 30.63 21.45
C ASP A 125 -16.13 29.60 22.15
N PHE A 126 -14.91 29.39 21.67
CA PHE A 126 -14.05 28.41 22.28
C PHE A 126 -13.15 28.98 23.37
N ARG A 127 -13.14 30.29 23.58
CA ARG A 127 -12.21 30.86 24.54
C ARG A 127 -12.56 30.47 25.97
N LYS A 128 -13.85 30.33 26.28
CA LYS A 128 -14.27 30.01 27.64
C LYS A 128 -13.55 28.77 28.17
N TYR A 129 -13.33 27.78 27.30
CA TYR A 129 -12.73 26.52 27.73
C TYR A 129 -11.23 26.60 27.95
N THR A 130 -10.60 27.75 27.72
CA THR A 130 -9.17 27.88 28.02
C THR A 130 -8.92 28.48 29.40
N ALA A 131 -9.96 28.75 30.19
CA ALA A 131 -9.80 29.52 31.42
C ALA A 131 -8.75 28.90 32.32
N PHE A 132 -7.93 29.76 32.93
CA PHE A 132 -6.97 29.31 33.94
C PHE A 132 -7.02 30.28 35.11
N THR A 133 -6.20 30.00 36.14
CA THR A 133 -6.28 30.73 37.41
C THR A 133 -4.88 30.91 37.99
N ILE A 134 -4.57 32.13 38.42
CA ILE A 134 -3.34 32.42 39.16
C ILE A 134 -3.66 32.33 40.65
N PRO A 135 -3.00 31.45 41.41
CA PRO A 135 -3.40 31.25 42.81
C PRO A 135 -3.12 32.47 43.67
N SER A 136 -3.98 32.70 44.66
CA SER A 136 -3.76 33.71 45.67
C SER A 136 -2.94 33.11 46.81
N ILE A 137 -2.12 33.93 47.45
CA ILE A 137 -1.25 33.44 48.51
C ILE A 137 -2.10 32.81 49.61
N ASN A 138 -1.94 31.50 49.82
CA ASN A 138 -2.64 30.77 50.88
C ASN A 138 -4.16 30.91 50.78
N ASN A 139 -4.67 30.96 49.54
CA ASN A 139 -6.10 31.03 49.27
C ASN A 139 -6.79 32.09 50.11
N GLU A 140 -6.03 33.09 50.55
CA GLU A 140 -6.60 34.14 51.40
C GLU A 140 -7.77 34.80 50.71
N THR A 141 -7.59 35.19 49.46
CA THR A 141 -8.68 35.67 48.62
C THR A 141 -8.73 34.85 47.34
N PRO A 142 -9.76 35.01 46.52
CA PRO A 142 -9.81 34.29 45.24
C PRO A 142 -8.62 34.65 44.34
N GLY A 143 -8.31 33.74 43.40
CA GLY A 143 -7.29 33.99 42.40
C GLY A 143 -7.82 34.76 41.19
N ILE A 144 -6.89 35.18 40.33
CA ILE A 144 -7.25 35.96 39.14
C ILE A 144 -7.59 35.01 38.00
N ARG A 145 -8.83 35.11 37.48
CA ARG A 145 -9.26 34.30 36.35
C ARG A 145 -8.84 34.95 35.04
N TYR A 146 -8.27 34.15 34.15
CA TYR A 146 -7.86 34.61 32.82
C TYR A 146 -8.35 33.64 31.78
N GLN A 147 -8.40 34.10 30.53
CA GLN A 147 -8.68 33.22 29.39
C GLN A 147 -7.87 33.70 28.21
N TYR A 148 -7.67 32.80 27.25
CA TYR A 148 -6.89 33.10 26.07
C TYR A 148 -7.75 33.70 24.97
N ASN A 149 -7.20 34.67 24.24
CA ASN A 149 -7.80 35.14 22.99
C ASN A 149 -7.00 34.75 21.76
N VAL A 150 -5.88 34.07 21.92
CA VAL A 150 -5.07 33.61 20.82
C VAL A 150 -4.83 32.10 20.98
N LEU A 151 -4.16 31.50 19.99
CA LEU A 151 -3.83 30.08 20.05
C LEU A 151 -2.91 29.79 21.23
N PRO A 152 -3.36 29.02 22.23
CA PRO A 152 -2.48 28.71 23.35
C PRO A 152 -1.34 27.80 22.92
N GLN A 153 -0.21 27.95 23.59
CA GLN A 153 0.90 27.04 23.34
C GLN A 153 0.60 25.73 24.04
N GLY A 154 0.69 24.63 23.30
CA GLY A 154 0.39 23.31 23.83
C GLY A 154 -1.03 22.83 23.65
N TRP A 155 -1.92 23.63 23.09
CA TRP A 155 -3.26 23.14 22.80
C TRP A 155 -3.25 22.33 21.50
N LYS A 156 -4.25 21.46 21.37
CA LYS A 156 -4.28 20.50 20.28
C LYS A 156 -4.42 21.20 18.92
N GLY A 157 -5.23 22.26 18.87
CA GLY A 157 -5.51 22.96 17.62
C GLY A 157 -4.41 23.88 17.12
N SER A 158 -3.48 24.30 17.97
CA SER A 158 -2.60 25.40 17.56
C SER A 158 -1.79 25.10 16.30
N PRO A 159 -1.10 23.97 16.16
CA PRO A 159 -0.27 23.79 14.95
C PRO A 159 -1.07 23.85 13.66
N ALA A 160 -2.27 23.28 13.64
CA ALA A 160 -3.04 23.18 12.40
C ALA A 160 -3.68 24.50 12.02
N ILE A 161 -4.14 25.26 13.02
CA ILE A 161 -4.78 26.52 12.76
C ILE A 161 -3.75 27.60 12.49
N PHE A 162 -2.58 27.50 13.10
CA PHE A 162 -1.53 28.43 12.76
C PHE A 162 -1.06 28.24 11.34
N GLN A 163 -0.85 27.00 10.94
CA GLN A 163 -0.45 26.72 9.57
C GLN A 163 -1.54 27.16 8.59
N SER A 164 -2.79 26.83 8.91
CA SER A 164 -3.90 27.31 8.10
C SER A 164 -3.84 28.82 7.97
N SER A 165 -3.73 29.51 9.10
CA SER A 165 -3.69 30.96 9.06
C SER A 165 -2.50 31.45 8.25
N MET A 166 -1.35 30.79 8.38
CA MET A 166 -0.17 31.29 7.68
C MET A 166 -0.30 31.08 6.18
N THR A 167 -0.88 29.95 5.74
CA THR A 167 -1.12 29.75 4.33
C THR A 167 -1.98 30.89 3.77
N LYS A 168 -3.08 31.20 4.46
CA LYS A 168 -3.97 32.26 3.98
C LYS A 168 -3.25 33.59 3.91
N ILE A 169 -2.52 33.95 4.96
CA ILE A 169 -1.76 35.20 4.98
C ILE A 169 -0.82 35.28 3.78
N LEU A 170 -0.09 34.20 3.50
CA LEU A 170 0.90 34.28 2.42
C LEU A 170 0.27 34.43 1.04
N GLU A 171 -0.95 33.95 0.83
CA GLU A 171 -1.49 33.87 -0.53
C GLU A 171 -1.43 35.20 -1.28
N PRO A 172 -1.89 36.33 -0.74
CA PRO A 172 -1.78 37.59 -1.49
C PRO A 172 -0.35 37.98 -1.84
N PHE A 173 0.64 37.72 -0.97
CA PHE A 173 2.03 38.03 -1.30
C PHE A 173 2.59 37.09 -2.35
N ALA A 174 2.22 35.81 -2.27
CA ALA A 174 2.66 34.88 -3.31
C ALA A 174 2.08 35.25 -4.65
N ALA A 175 0.84 35.74 -4.66
CA ALA A 175 0.15 36.01 -5.90
C ALA A 175 0.91 37.04 -6.74
N GLN A 176 1.38 38.10 -6.09
CA GLN A 176 2.12 39.16 -6.75
C GLN A 176 3.64 38.95 -6.67
N ASN A 177 4.12 37.68 -6.61
CA ASN A 177 5.55 37.37 -6.63
C ASN A 177 5.84 35.96 -7.10
N PRO A 178 5.40 35.59 -8.29
CA PRO A 178 5.55 34.20 -8.76
C PRO A 178 6.99 33.76 -8.95
N ASP A 179 7.95 34.59 -8.56
CA ASP A 179 9.35 34.22 -8.62
C ASP A 179 9.82 33.57 -7.32
N ILE A 180 9.42 34.15 -6.19
CA ILE A 180 9.84 33.67 -4.88
C ILE A 180 9.17 32.32 -4.60
N VAL A 181 9.91 31.44 -3.90
CA VAL A 181 9.40 30.15 -3.43
C VAL A 181 9.44 30.13 -1.91
N ILE A 182 8.30 29.84 -1.28
CA ILE A 182 8.17 29.85 0.16
C ILE A 182 7.79 28.45 0.60
N TYR A 183 8.61 27.84 1.43
CA TYR A 183 8.24 26.62 2.14
C TYR A 183 7.80 27.04 3.53
N GLN A 184 6.78 26.38 4.08
CA GLN A 184 6.42 26.57 5.47
C GLN A 184 6.69 25.28 6.20
N TYR A 185 7.09 25.40 7.45
CA TYR A 185 7.39 24.25 8.28
C TYR A 185 7.40 24.71 9.73
N MET A 186 6.50 24.18 10.53
CA MET A 186 6.38 24.65 11.90
C MET A 186 6.20 26.16 11.84
N ASP A 187 6.80 26.88 12.77
CA ASP A 187 6.72 28.34 12.73
C ASP A 187 7.88 28.97 11.97
N ASP A 188 8.39 28.30 10.93
CA ASP A 188 9.44 28.83 10.10
C ASP A 188 8.93 29.00 8.67
N LEU A 189 9.63 29.83 7.90
CA LEU A 189 9.44 29.95 6.47
C LEU A 189 10.82 29.97 5.84
N TYR A 190 10.98 29.29 4.71
CA TYR A 190 12.26 29.24 4.05
C TYR A 190 12.03 29.78 2.65
N VAL A 191 12.68 30.89 2.32
CA VAL A 191 12.37 31.62 1.10
C VAL A 191 13.54 31.51 0.15
N GLY A 192 13.25 31.13 -1.08
CA GLY A 192 14.29 30.97 -2.08
C GLY A 192 13.93 31.69 -3.36
N SER A 193 14.97 32.15 -4.04
CA SER A 193 14.78 32.87 -5.29
C SER A 193 16.06 32.79 -6.10
N ASP A 194 15.96 33.27 -7.33
CA ASP A 194 17.13 33.48 -8.17
C ASP A 194 17.30 34.95 -8.52
N LEU A 195 16.80 35.83 -7.67
CA LEU A 195 17.01 37.26 -7.85
C LEU A 195 18.44 37.62 -7.46
N GLU A 196 18.89 38.79 -7.91
CA GLU A 196 20.15 39.33 -7.43
C GLU A 196 20.07 39.55 -5.92
N ILE A 197 21.05 39.03 -5.19
CA ILE A 197 21.05 38.98 -3.73
C ILE A 197 20.58 40.30 -3.14
N GLY A 198 20.78 41.39 -3.89
CA GLY A 198 20.32 42.69 -3.49
C GLY A 198 18.81 42.78 -3.49
N GLN A 199 18.19 42.47 -4.63
CA GLN A 199 16.73 42.56 -4.68
C GLN A 199 16.07 41.42 -3.92
N HIS A 200 16.70 40.23 -3.90
CA HIS A 200 16.25 39.17 -2.99
C HIS A 200 16.23 39.66 -1.55
N ARG A 201 17.21 40.50 -1.16
CA ARG A 201 17.13 41.13 0.15
C ARG A 201 15.96 42.10 0.20
N THR A 202 15.56 42.62 -0.96
CA THR A 202 14.42 43.52 -1.05
C THR A 202 13.11 42.75 -0.90
N LYS A 203 12.90 41.73 -1.76
CA LYS A 203 11.71 40.91 -1.63
C LYS A 203 11.57 40.35 -0.22
N ILE A 204 12.68 40.02 0.45
CA ILE A 204 12.56 39.54 1.82
C ILE A 204 12.00 40.63 2.70
N GLU A 205 12.50 41.86 2.52
CA GLU A 205 12.06 42.97 3.36
C GLU A 205 10.57 43.27 3.14
N GLU A 206 10.09 43.14 1.89
CA GLU A 206 8.66 43.27 1.63
C GLU A 206 7.87 42.20 2.36
N LEU A 207 8.23 40.91 2.17
CA LEU A 207 7.51 39.85 2.86
C LEU A 207 7.50 40.09 4.35
N ARG A 208 8.63 40.51 4.93
CA ARG A 208 8.65 40.83 6.35
C ARG A 208 7.55 41.83 6.70
N GLN A 209 7.40 42.89 5.88
CA GLN A 209 6.44 43.95 6.15
C GLN A 209 5.01 43.48 5.92
N HIS A 210 4.80 42.66 4.89
CA HIS A 210 3.50 42.03 4.69
C HIS A 210 3.08 41.23 5.93
N LEU A 211 3.99 40.42 6.44
CA LEU A 211 3.67 39.63 7.63
C LEU A 211 3.54 40.53 8.85
N LEU A 212 4.32 41.60 8.91
CA LEU A 212 4.19 42.46 10.08
C LEU A 212 2.84 43.17 10.10
N ARG A 213 2.21 43.34 8.93
CA ARG A 213 0.88 43.93 8.86
C ARG A 213 -0.19 42.94 9.31
N TRP A 214 0.06 41.66 9.10
CA TRP A 214 -0.84 40.65 9.60
C TRP A 214 -0.45 40.19 10.99
N GLY A 215 0.47 40.89 11.63
CA GLY A 215 0.80 40.64 13.01
C GLY A 215 1.92 39.67 13.26
N LEU A 216 2.66 39.29 12.22
CA LEU A 216 3.68 38.26 12.32
C LEU A 216 5.06 38.90 12.30
N THR A 217 5.67 38.99 13.47
CA THR A 217 7.04 39.48 13.59
C THR A 217 8.03 38.46 13.04
N THR A 218 9.06 38.96 12.38
CA THR A 218 10.06 38.19 11.67
C THR A 218 11.44 38.77 11.95
N PRO A 219 12.50 37.94 11.91
CA PRO A 219 13.81 38.42 12.36
C PRO A 219 14.36 39.52 11.47
N ASP A 220 14.85 40.60 12.10
CA ASP A 220 15.54 41.67 11.39
C ASP A 220 16.58 41.09 10.44
N LYS A 221 16.60 41.58 9.20
CA LYS A 221 17.69 41.19 8.31
C LYS A 221 18.98 41.44 9.07
N LYS A 222 20.09 40.82 8.69
CA LYS A 222 21.28 40.93 9.53
C LYS A 222 20.96 40.55 10.97
N HIS A 223 19.88 39.80 11.17
CA HIS A 223 19.56 39.17 12.44
C HIS A 223 18.98 37.78 12.23
N GLN A 224 18.92 37.32 10.97
CA GLN A 224 18.31 36.06 10.57
C GLN A 224 19.39 35.05 10.19
N LYS A 225 19.13 33.78 10.54
CA LYS A 225 20.15 32.74 10.55
C LYS A 225 20.93 32.70 9.23
N GLU A 226 22.16 32.22 9.31
CA GLU A 226 23.04 32.15 8.15
C GLU A 226 23.51 30.72 7.96
N PRO A 227 23.93 30.36 6.75
CA PRO A 227 24.34 28.97 6.46
C PRO A 227 25.61 28.59 7.21
N PRO A 228 25.88 27.29 7.40
CA PRO A 228 25.06 26.12 7.06
C PRO A 228 24.00 25.90 8.14
N PHE A 229 22.81 25.44 7.78
CA PHE A 229 21.69 25.42 8.71
C PHE A 229 21.60 24.06 9.38
N LEU A 230 21.53 24.07 10.71
CA LEU A 230 21.30 22.85 11.47
C LEU A 230 19.79 22.66 11.55
N TRP A 231 19.25 21.72 10.76
CA TRP A 231 17.81 21.62 10.57
C TRP A 231 17.38 20.16 10.56
N MET A 232 16.63 19.75 11.58
CA MET A 232 16.09 18.40 11.61
C MET A 232 17.18 17.38 11.32
N GLY A 233 18.27 17.46 12.07
CA GLY A 233 19.37 16.53 11.89
C GLY A 233 20.11 16.65 10.58
N TYR A 234 20.08 17.79 9.93
CA TYR A 234 20.79 17.96 8.68
C TYR A 234 21.74 19.15 8.76
N GLU A 235 22.60 19.23 7.75
CA GLU A 235 23.43 20.39 7.52
C GLU A 235 23.21 20.80 6.07
N LEU A 236 22.66 21.99 5.89
CA LEU A 236 22.31 22.50 4.57
C LEU A 236 23.27 23.63 4.25
N HIS A 237 24.24 23.34 3.43
CA HIS A 237 25.13 24.29 2.79
C HIS A 237 24.50 24.77 1.49
N PRO A 238 24.95 25.87 0.92
CA PRO A 238 24.26 26.41 -0.28
C PRO A 238 24.45 25.56 -1.52
N ASP A 239 25.42 24.66 -1.53
CA ASP A 239 25.69 23.81 -2.69
C ASP A 239 25.63 22.32 -2.36
N LYS A 240 25.34 21.97 -1.11
CA LYS A 240 25.43 20.58 -0.73
C LYS A 240 24.75 20.41 0.61
N TRP A 241 24.41 19.16 0.91
CA TRP A 241 23.76 18.85 2.19
C TRP A 241 24.39 17.56 2.69
N THR A 242 24.36 17.41 4.02
CA THR A 242 24.76 16.17 4.65
C THR A 242 24.03 16.10 5.98
N VAL A 243 24.21 14.98 6.69
CA VAL A 243 23.58 14.80 7.99
C VAL A 243 24.51 15.37 9.05
N GLN A 244 23.98 15.57 10.25
CA GLN A 244 24.79 15.98 11.36
C GLN A 244 25.60 14.80 11.87
N PRO A 245 26.71 15.05 12.57
CA PRO A 245 27.65 13.97 12.88
C PRO A 245 27.03 12.93 13.81
N ILE A 246 27.26 11.65 13.47
CA ILE A 246 26.68 10.51 14.18
C ILE A 246 27.72 9.94 15.15
N VAL A 247 27.27 9.56 16.34
CA VAL A 247 28.13 9.11 17.41
C VAL A 247 27.56 7.79 17.94
N LEU A 248 28.23 6.68 17.58
CA LEU A 248 27.81 5.35 17.98
C LEU A 248 28.53 4.96 19.27
N PRO A 249 27.82 4.67 20.36
CA PRO A 249 28.48 4.39 21.64
C PRO A 249 29.32 3.12 21.59
N GLU A 250 30.36 3.10 22.43
CA GLU A 250 31.12 1.90 22.77
C GLU A 250 30.62 1.42 24.13
N LYS A 251 30.19 0.16 24.22
CA LYS A 251 29.66 -0.37 25.45
C LYS A 251 30.08 -1.83 25.61
N ASP A 252 30.34 -2.22 26.87
CA ASP A 252 30.61 -3.64 27.12
C ASP A 252 29.34 -4.47 27.09
N SER A 253 28.22 -3.91 27.50
CA SER A 253 26.92 -4.57 27.46
C SER A 253 25.95 -3.73 26.64
N TRP A 254 24.95 -4.39 26.08
CA TRP A 254 23.94 -3.74 25.24
C TRP A 254 22.55 -4.16 25.67
N THR A 255 21.70 -3.18 25.97
CA THR A 255 20.30 -3.42 26.26
C THR A 255 19.48 -3.37 24.98
N VAL A 256 18.25 -3.90 25.06
CA VAL A 256 17.33 -3.76 23.93
C VAL A 256 17.24 -2.30 23.54
N ASN A 257 17.10 -1.40 24.53
CA ASN A 257 17.01 0.03 24.24
C ASN A 257 18.28 0.56 23.57
N ASP A 258 19.45 0.08 24.02
CA ASP A 258 20.70 0.53 23.44
C ASP A 258 20.77 0.17 21.96
N ILE A 259 20.27 -1.01 21.61
CA ILE A 259 20.33 -1.47 20.22
C ILE A 259 19.38 -0.66 19.34
N GLN A 260 18.17 -0.41 19.81
CA GLN A 260 17.24 0.41 19.05
C GLN A 260 17.87 1.77 18.75
N LYS A 261 18.50 2.39 19.75
CA LYS A 261 19.14 3.67 19.48
C LYS A 261 20.26 3.53 18.45
N LEU A 262 20.83 2.32 18.30
CA LEU A 262 21.96 2.11 17.42
C LEU A 262 21.51 1.90 15.97
N VAL A 263 20.55 0.99 15.74
CA VAL A 263 19.98 0.86 14.40
C VAL A 263 19.34 2.16 13.97
N GLY A 264 18.80 2.93 14.92
CA GLY A 264 18.24 4.23 14.59
C GLY A 264 19.25 5.14 13.91
N LYS A 265 20.42 5.32 14.54
CA LYS A 265 21.38 6.29 14.00
C LYS A 265 21.97 5.82 12.69
N LEU A 266 22.18 4.50 12.57
CA LEU A 266 22.71 3.94 11.33
C LEU A 266 21.73 4.11 10.17
N ASN A 267 20.48 3.70 10.37
CA ASN A 267 19.39 4.06 9.45
C ASN A 267 19.50 5.50 9.00
N TRP A 268 19.57 6.42 9.95
CA TRP A 268 19.72 7.82 9.58
C TRP A 268 20.95 8.02 8.72
N ALA A 269 22.07 7.40 9.10
CA ALA A 269 23.29 7.67 8.34
C ALA A 269 23.19 7.16 6.92
N SER A 270 22.37 6.14 6.68
CA SER A 270 22.41 5.44 5.40
C SER A 270 21.79 6.25 4.27
N GLN A 271 21.07 7.33 4.58
CA GLN A 271 20.51 8.17 3.53
C GLN A 271 21.57 8.93 2.75
N ILE A 272 22.78 9.07 3.30
CA ILE A 272 23.89 9.61 2.49
C ILE A 272 25.18 8.79 2.60
N TYR A 273 25.38 7.97 3.62
CA TYR A 273 26.62 7.19 3.71
C TYR A 273 26.43 5.84 3.04
N PRO A 274 26.96 5.64 1.83
CA PRO A 274 26.76 4.36 1.16
C PRO A 274 27.35 3.22 1.96
N GLY A 275 26.64 2.08 1.97
CA GLY A 275 27.15 0.84 2.52
C GLY A 275 26.70 0.50 3.92
N ILE A 276 25.98 1.39 4.62
CA ILE A 276 25.53 1.05 5.96
C ILE A 276 24.76 -0.25 5.96
N LYS A 277 24.98 -1.07 6.98
CA LYS A 277 24.28 -2.34 7.16
C LYS A 277 23.77 -2.42 8.57
N VAL A 278 22.54 -2.93 8.72
CA VAL A 278 21.92 -3.04 10.04
C VAL A 278 21.24 -4.39 10.22
N ARG A 279 21.38 -5.30 9.23
CA ARG A 279 20.59 -6.53 9.28
C ARG A 279 20.95 -7.40 10.48
N GLN A 280 22.24 -7.74 10.64
CA GLN A 280 22.65 -8.58 11.77
C GLN A 280 22.35 -7.90 13.11
N LEU A 281 22.49 -6.57 13.16
CA LEU A 281 22.14 -5.82 14.37
C LEU A 281 20.65 -5.91 14.67
N SER A 282 19.81 -5.66 13.66
CA SER A 282 18.38 -5.68 13.93
C SER A 282 17.87 -7.08 14.25
N LYS A 283 18.53 -8.13 13.74
CA LYS A 283 18.18 -9.50 14.14
C LYS A 283 18.18 -9.65 15.65
N LEU A 284 19.12 -8.98 16.33
CA LEU A 284 19.22 -9.05 17.78
C LEU A 284 17.88 -8.75 18.46
N LEU A 285 17.13 -7.80 17.90
CA LEU A 285 15.91 -7.28 18.51
C LEU A 285 14.68 -8.14 18.23
N ARG A 286 14.84 -9.31 17.59
CA ARG A 286 13.75 -10.27 17.52
C ARG A 286 13.36 -10.75 18.91
N GLY A 287 14.18 -10.47 19.92
CA GLY A 287 13.84 -10.65 21.31
C GLY A 287 13.20 -9.41 21.91
N THR A 288 12.30 -8.79 21.14
CA THR A 288 11.54 -7.65 21.63
C THR A 288 11.00 -7.98 23.01
N LYS A 289 11.51 -7.27 24.02
CA LYS A 289 11.21 -7.53 25.42
C LYS A 289 11.39 -6.21 26.15
N ALA A 290 11.51 -6.26 27.47
CA ALA A 290 11.91 -5.09 28.22
C ALA A 290 13.04 -4.38 27.48
N LEU A 291 12.93 -3.05 27.38
CA LEU A 291 14.01 -2.27 26.81
C LEU A 291 15.28 -2.33 27.65
N THR A 292 15.24 -3.06 28.77
CA THR A 292 16.38 -3.23 29.65
C THR A 292 17.07 -4.58 29.48
N GLU A 293 16.39 -5.59 28.95
CA GLU A 293 16.98 -6.92 28.78
C GLU A 293 18.27 -6.84 27.98
N VAL A 294 19.37 -7.29 28.59
CA VAL A 294 20.68 -7.23 27.96
C VAL A 294 20.76 -8.32 26.89
N ILE A 295 21.23 -7.94 25.71
CA ILE A 295 21.25 -8.78 24.51
C ILE A 295 22.70 -9.05 24.16
N PRO A 296 23.20 -10.28 24.38
CA PRO A 296 24.56 -10.61 23.94
C PRO A 296 24.71 -10.44 22.44
N LEU A 297 25.82 -9.88 22.02
CA LEU A 297 26.02 -9.58 20.61
C LEU A 297 26.51 -10.79 19.84
N THR A 298 26.13 -10.86 18.57
CA THR A 298 26.60 -11.89 17.67
C THR A 298 27.96 -11.52 17.13
N GLU A 299 28.66 -12.54 16.59
CA GLU A 299 29.87 -12.30 15.82
C GLU A 299 29.54 -11.53 14.55
N GLU A 300 28.45 -11.89 13.87
CA GLU A 300 28.02 -11.16 12.68
C GLU A 300 27.57 -9.75 13.03
N ALA A 301 26.97 -9.56 14.19
CA ALA A 301 26.63 -8.22 14.66
C ALA A 301 27.88 -7.41 15.05
N GLU A 302 28.90 -8.06 15.61
CA GLU A 302 30.15 -7.35 15.85
C GLU A 302 30.80 -6.90 14.54
N LEU A 303 30.80 -7.77 13.55
CA LEU A 303 31.46 -7.44 12.29
C LEU A 303 30.70 -6.32 11.58
N GLU A 304 29.36 -6.39 11.59
CA GLU A 304 28.52 -5.37 10.98
C GLU A 304 28.80 -3.99 11.58
N LEU A 305 28.74 -3.91 12.92
CA LEU A 305 28.94 -2.64 13.61
C LEU A 305 30.35 -2.11 13.40
N ALA A 306 31.35 -2.99 13.38
CA ALA A 306 32.70 -2.56 13.10
C ALA A 306 32.80 -1.97 11.70
N GLU A 307 32.29 -2.69 10.70
CA GLU A 307 32.28 -2.18 9.32
C GLU A 307 31.59 -0.81 9.23
N ASN A 308 30.50 -0.62 9.99
CA ASN A 308 29.80 0.67 9.98
C ASN A 308 30.70 1.80 10.47
N ARG A 309 31.46 1.56 11.55
CA ARG A 309 32.35 2.61 12.07
C ARG A 309 33.41 2.98 11.06
N GLU A 310 33.91 1.99 10.33
CA GLU A 310 34.87 2.28 9.26
C GLU A 310 34.31 3.31 8.30
N ILE A 311 33.07 3.10 7.84
CA ILE A 311 32.46 3.94 6.79
C ILE A 311 32.15 5.32 7.34
N LEU A 312 31.70 5.40 8.59
CA LEU A 312 31.41 6.68 9.23
C LEU A 312 32.65 7.54 9.45
N LYS A 313 33.85 6.97 9.30
CA LYS A 313 35.08 7.74 9.50
C LYS A 313 35.27 8.78 8.39
N GLU A 314 34.94 8.45 7.15
CA GLU A 314 35.08 9.49 6.16
C GLU A 314 33.79 10.31 6.08
N PRO A 315 33.84 11.57 5.65
CA PRO A 315 32.63 12.38 5.57
C PRO A 315 32.02 12.33 4.17
N VAL A 316 30.69 12.50 4.12
CA VAL A 316 29.98 12.46 2.84
C VAL A 316 28.97 13.59 2.77
N HIS A 317 28.58 13.92 1.53
CA HIS A 317 27.58 14.95 1.29
C HIS A 317 26.69 14.59 0.11
N GLY A 318 25.47 15.12 0.11
CA GLY A 318 24.58 15.02 -1.03
C GLY A 318 24.45 16.34 -1.75
N VAL A 319 24.01 16.32 -3.00
CA VAL A 319 23.71 17.53 -3.74
C VAL A 319 22.19 17.74 -3.76
N TYR A 320 21.76 18.89 -4.27
CA TYR A 320 20.38 19.30 -4.41
C TYR A 320 19.85 18.97 -5.81
N TYR A 321 18.57 19.25 -6.02
CA TYR A 321 17.87 18.71 -7.17
C TYR A 321 17.70 19.76 -8.26
N ASP A 322 17.90 19.33 -9.49
CA ASP A 322 17.72 20.18 -10.65
C ASP A 322 16.72 19.48 -11.55
N PRO A 323 15.52 20.04 -11.72
CA PRO A 323 14.47 19.31 -12.45
C PRO A 323 14.77 19.07 -13.90
N SER A 324 15.71 19.80 -14.51
CA SER A 324 15.97 19.57 -15.92
C SER A 324 16.82 18.33 -16.18
N LYS A 325 17.63 17.90 -15.21
CA LYS A 325 18.49 16.73 -15.36
C LYS A 325 17.71 15.44 -15.04
N ASP A 326 18.14 14.34 -15.65
CA ASP A 326 17.52 13.04 -15.39
C ASP A 326 17.68 12.64 -13.93
N LEU A 327 16.85 11.67 -13.53
CA LEU A 327 16.97 11.03 -12.22
C LEU A 327 17.46 9.59 -12.42
N ILE A 328 18.45 9.17 -11.64
CA ILE A 328 19.11 7.89 -11.92
C ILE A 328 19.34 7.13 -10.62
N ALA A 329 19.00 5.84 -10.64
CA ALA A 329 19.22 4.98 -9.49
C ALA A 329 20.15 3.84 -9.90
N GLU A 330 21.18 3.61 -9.09
CA GLU A 330 22.07 2.45 -9.20
C GLU A 330 21.97 1.60 -7.93
N ILE A 331 22.06 0.27 -8.10
CA ILE A 331 21.94 -0.69 -7.01
C ILE A 331 23.11 -1.66 -7.08
N GLN A 332 23.70 -1.97 -5.92
CA GLN A 332 24.75 -2.98 -5.84
C GLN A 332 24.42 -3.96 -4.72
N LYS A 333 24.81 -5.22 -4.94
CA LYS A 333 24.65 -6.24 -3.92
C LYS A 333 25.67 -6.03 -2.82
N GLN A 334 25.28 -6.35 -1.60
CA GLN A 334 26.19 -6.29 -0.47
C GLN A 334 26.43 -7.65 0.17
N GLY A 335 25.71 -8.69 -0.23
CA GLY A 335 25.89 -10.01 0.33
C GLY A 335 25.03 -10.23 1.56
N GLN A 336 24.84 -11.51 1.89
CA GLN A 336 24.00 -11.91 3.02
C GLN A 336 22.65 -11.19 2.96
N GLY A 337 22.15 -11.03 1.73
CA GLY A 337 20.81 -10.49 1.53
C GLY A 337 20.67 -9.01 1.77
N GLN A 338 21.75 -8.24 1.76
CA GLN A 338 21.67 -6.80 1.97
C GLN A 338 22.04 -6.04 0.69
N TRP A 339 21.32 -4.96 0.41
CA TRP A 339 21.51 -4.23 -0.84
C TRP A 339 21.75 -2.76 -0.54
N THR A 340 22.42 -2.10 -1.49
CA THR A 340 22.72 -0.68 -1.32
C THR A 340 22.52 0.03 -2.65
N TYR A 341 22.10 1.30 -2.59
CA TYR A 341 21.74 2.04 -3.80
C TYR A 341 22.12 3.50 -3.68
N GLN A 342 22.39 4.12 -4.83
CA GLN A 342 22.56 5.56 -4.92
C GLN A 342 21.59 6.17 -5.92
N ILE A 343 21.23 7.42 -5.69
CA ILE A 343 20.42 8.18 -6.65
C ILE A 343 21.15 9.47 -6.97
N TYR A 344 21.21 9.80 -8.26
CA TYR A 344 21.99 10.95 -8.69
C TYR A 344 21.53 11.40 -10.07
N GLN A 345 21.85 12.64 -10.39
CA GLN A 345 21.67 13.14 -11.74
C GLN A 345 22.98 13.24 -12.49
N GLU A 346 24.05 13.72 -11.83
CA GLU A 346 25.37 13.70 -12.43
C GLU A 346 26.23 12.65 -11.76
N PRO A 347 26.99 11.90 -12.56
CA PRO A 347 27.63 10.64 -12.13
C PRO A 347 28.25 10.46 -10.75
N PHE A 348 28.89 11.41 -10.11
CA PHE A 348 29.37 11.11 -8.76
C PHE A 348 28.77 12.01 -7.72
N LYS A 349 27.80 12.82 -8.12
CA LYS A 349 27.13 13.78 -7.27
C LYS A 349 25.80 13.17 -6.88
N ASN A 350 25.78 12.43 -5.76
CA ASN A 350 24.57 11.77 -5.30
C ASN A 350 23.58 12.76 -4.71
N LEU A 351 22.30 12.62 -5.10
CA LEU A 351 21.23 13.21 -4.31
C LEU A 351 21.12 12.54 -2.95
N LYS A 352 21.17 11.21 -2.93
CA LYS A 352 21.06 10.46 -1.69
C LYS A 352 21.39 9.00 -1.96
N THR A 353 21.51 8.25 -0.87
CA THR A 353 21.74 6.80 -0.90
C THR A 353 20.75 6.13 0.05
N GLY A 354 20.83 4.81 0.12
CA GLY A 354 19.99 4.05 1.03
C GLY A 354 20.31 2.58 0.88
N LYS A 355 19.61 1.78 1.68
CA LYS A 355 19.85 0.35 1.79
C LYS A 355 18.54 -0.42 1.61
N TYR A 356 18.65 -1.73 1.48
CA TYR A 356 17.47 -2.60 1.51
C TYR A 356 17.91 -4.01 1.88
N ALA A 357 17.35 -4.55 2.96
CA ALA A 357 17.79 -5.86 3.44
C ALA A 357 16.67 -6.83 3.77
N ARG A 358 15.42 -6.43 3.59
CA ARG A 358 14.32 -7.26 4.09
C ARG A 358 14.30 -8.63 3.42
N MET A 359 14.06 -9.67 4.21
CA MET A 359 13.80 -10.97 3.63
C MET A 359 12.32 -11.12 3.28
N ARG A 360 11.45 -10.62 4.17
CA ARG A 360 10.00 -10.74 4.06
C ARG A 360 9.58 -12.15 3.62
N GLY A 361 9.96 -13.13 4.43
CA GLY A 361 9.74 -14.54 4.15
C GLY A 361 10.97 -15.27 4.62
N ALA A 362 10.82 -16.56 4.92
CA ALA A 362 11.97 -17.34 5.37
C ALA A 362 13.01 -17.51 4.27
N HIS A 363 12.56 -17.77 3.05
CA HIS A 363 13.45 -18.09 1.95
C HIS A 363 13.21 -17.15 0.78
N THR A 364 14.30 -16.68 0.18
CA THR A 364 14.16 -15.82 -0.97
C THR A 364 15.30 -16.10 -1.94
N ASN A 365 15.37 -15.32 -3.02
CA ASN A 365 16.52 -15.33 -3.90
C ASN A 365 16.82 -13.92 -4.38
N ASP A 366 18.01 -13.77 -4.99
CA ASP A 366 18.58 -12.46 -5.30
C ASP A 366 17.69 -11.66 -6.26
N VAL A 367 17.17 -12.28 -7.32
CA VAL A 367 16.37 -11.52 -8.27
C VAL A 367 15.11 -10.97 -7.60
N LYS A 368 14.43 -11.78 -6.79
CA LYS A 368 13.28 -11.27 -6.05
C LYS A 368 13.68 -10.10 -5.15
N GLN A 369 14.83 -10.21 -4.50
CA GLN A 369 15.24 -9.11 -3.64
C GLN A 369 15.62 -7.89 -4.46
N LEU A 370 16.19 -8.07 -5.64
CA LEU A 370 16.54 -6.93 -6.47
C LEU A 370 15.28 -6.21 -6.91
N THR A 371 14.26 -6.98 -7.29
CA THR A 371 13.00 -6.39 -7.71
C THR A 371 12.32 -5.68 -6.55
N GLU A 372 12.40 -6.26 -5.37
CA GLU A 372 11.89 -5.54 -4.21
C GLU A 372 12.67 -4.26 -4.00
N ALA A 373 13.99 -4.29 -4.21
CA ALA A 373 14.77 -3.06 -4.00
C ALA A 373 14.38 -1.98 -4.99
N VAL A 374 14.18 -2.36 -6.26
CA VAL A 374 13.72 -1.40 -7.24
C VAL A 374 12.40 -0.79 -6.83
N GLN A 375 11.52 -1.60 -6.21
CA GLN A 375 10.22 -1.13 -5.73
C GLN A 375 10.37 -0.07 -4.64
N LYS A 376 11.26 -0.32 -3.67
CA LYS A 376 11.43 0.64 -2.60
C LYS A 376 11.99 1.93 -3.14
N ILE A 377 12.86 1.83 -4.14
CA ILE A 377 13.39 3.08 -4.68
C ILE A 377 12.29 3.82 -5.42
N THR A 378 11.44 3.08 -6.13
CA THR A 378 10.40 3.71 -6.93
C THR A 378 9.44 4.49 -6.04
N THR A 379 9.02 3.88 -4.94
CA THR A 379 8.17 4.58 -3.98
C THR A 379 8.87 5.79 -3.39
N GLU A 380 10.16 5.67 -3.10
CA GLU A 380 10.87 6.80 -2.52
C GLU A 380 11.05 7.93 -3.54
N SER A 381 11.36 7.61 -4.79
CA SER A 381 11.53 8.69 -5.75
C SER A 381 10.25 9.51 -5.92
N ILE A 382 9.09 8.84 -5.94
CA ILE A 382 7.83 9.56 -6.11
C ILE A 382 7.61 10.53 -4.97
N VAL A 383 7.77 10.04 -3.74
CA VAL A 383 7.61 10.91 -2.58
C VAL A 383 8.55 12.09 -2.65
N ILE A 384 9.79 11.88 -3.07
CA ILE A 384 10.79 12.94 -2.92
C ILE A 384 10.83 13.85 -4.14
N TRP A 385 10.77 13.31 -5.35
CA TRP A 385 10.82 14.12 -6.55
C TRP A 385 9.56 14.10 -7.41
N GLY A 386 8.57 13.25 -7.10
CA GLY A 386 7.41 13.19 -7.96
C GLY A 386 7.61 12.51 -9.30
N LYS A 387 8.64 11.66 -9.42
CA LYS A 387 8.85 10.87 -10.63
C LYS A 387 9.68 9.65 -10.24
N THR A 388 9.75 8.70 -11.16
CA THR A 388 10.55 7.50 -11.00
C THR A 388 11.85 7.63 -11.78
N PRO A 389 12.95 7.07 -11.30
CA PRO A 389 14.23 7.22 -11.99
C PRO A 389 14.43 6.15 -13.05
N LYS A 390 15.43 6.38 -13.91
CA LYS A 390 16.03 5.30 -14.71
C LYS A 390 16.96 4.47 -13.84
N PHE A 391 16.92 3.16 -14.02
CA PHE A 391 17.66 2.23 -13.18
C PHE A 391 18.89 1.68 -13.91
N LYS A 392 20.03 1.68 -13.22
CA LYS A 392 21.21 0.95 -13.67
C LYS A 392 21.40 -0.25 -12.75
N LEU A 393 21.32 -1.46 -13.32
CA LEU A 393 21.24 -2.63 -12.43
C LEU A 393 22.19 -3.74 -12.85
N PRO A 394 22.81 -4.42 -11.90
CA PRO A 394 23.80 -5.45 -12.23
C PRO A 394 23.12 -6.81 -12.47
N ILE A 395 22.32 -6.87 -13.52
CA ILE A 395 21.65 -8.11 -13.88
C ILE A 395 21.33 -8.02 -15.36
N GLN A 396 21.48 -9.12 -16.06
CA GLN A 396 21.27 -9.06 -17.50
C GLN A 396 19.81 -9.33 -17.82
N LYS A 397 19.38 -8.83 -18.97
CA LYS A 397 17.99 -8.99 -19.34
C LYS A 397 17.59 -10.45 -19.37
N GLU A 398 18.50 -11.32 -19.83
CA GLU A 398 18.19 -12.74 -19.87
C GLU A 398 17.91 -13.28 -18.47
N THR A 399 18.75 -12.93 -17.50
CA THR A 399 18.50 -13.39 -16.15
C THR A 399 17.13 -12.95 -15.66
N TRP A 400 16.83 -11.64 -15.77
CA TRP A 400 15.60 -11.11 -15.19
C TRP A 400 14.37 -11.57 -15.98
N GLU A 401 14.46 -11.55 -17.32
CA GLU A 401 13.35 -12.03 -18.14
C GLU A 401 12.97 -13.46 -17.78
N THR A 402 13.97 -14.34 -17.67
CA THR A 402 13.68 -15.73 -17.31
C THR A 402 12.99 -15.81 -15.96
N TRP A 403 13.47 -15.07 -14.98
CA TRP A 403 12.81 -15.09 -13.69
C TRP A 403 11.38 -14.55 -13.78
N TRP A 404 11.22 -13.28 -14.18
CA TRP A 404 9.88 -12.71 -14.09
C TRP A 404 8.86 -13.46 -14.95
N THR A 405 9.33 -14.20 -15.96
CA THR A 405 8.40 -14.92 -16.81
C THR A 405 7.93 -16.21 -16.16
N GLU A 406 8.81 -16.89 -15.44
CA GLU A 406 8.43 -18.09 -14.71
C GLU A 406 7.83 -17.79 -13.35
N TYR A 407 7.91 -16.55 -12.88
CA TYR A 407 7.48 -16.24 -11.52
C TYR A 407 5.95 -16.14 -11.47
N TRP A 408 5.35 -16.88 -10.53
CA TRP A 408 3.88 -16.93 -10.44
C TRP A 408 3.29 -15.57 -10.09
N GLN A 409 4.07 -14.68 -9.51
CA GLN A 409 3.54 -13.42 -9.05
C GLN A 409 3.76 -12.37 -10.14
N ALA A 410 2.84 -11.40 -10.21
CA ALA A 410 2.93 -10.30 -11.17
C ALA A 410 3.96 -9.27 -10.74
N THR A 411 4.70 -8.73 -11.71
CA THR A 411 5.87 -7.92 -11.41
C THR A 411 6.05 -6.84 -12.47
N TRP A 412 6.43 -5.65 -12.03
CA TRP A 412 6.62 -4.52 -12.94
C TRP A 412 8.12 -4.26 -13.12
N ILE A 413 8.56 -4.27 -14.36
CA ILE A 413 9.96 -4.12 -14.67
C ILE A 413 10.16 -2.71 -15.23
N PRO A 414 10.77 -1.81 -14.48
CA PRO A 414 11.01 -0.46 -15.00
C PRO A 414 11.94 -0.54 -16.21
N GLU A 415 12.14 0.61 -16.83
CA GLU A 415 13.18 0.71 -17.83
C GLU A 415 14.53 0.78 -17.13
N TRP A 416 15.43 -0.13 -17.51
CA TRP A 416 16.71 -0.20 -16.84
C TRP A 416 17.77 -0.61 -17.85
N GLU A 417 19.02 -0.39 -17.48
CA GLU A 417 20.14 -0.84 -18.30
C GLU A 417 21.09 -1.72 -17.48
N PHE A 418 21.56 -2.79 -18.11
CA PHE A 418 22.59 -3.63 -17.52
C PHE A 418 23.86 -2.82 -17.31
N VAL A 419 24.37 -2.83 -16.09
CA VAL A 419 25.68 -2.29 -15.78
C VAL A 419 26.55 -3.44 -15.28
N ASN A 420 27.74 -3.58 -15.88
CA ASN A 420 28.58 -4.74 -15.68
C ASN A 420 29.55 -4.47 -14.54
N THR A 421 29.06 -4.63 -13.32
CA THR A 421 29.87 -4.38 -12.13
C THR A 421 29.62 -5.49 -11.14
N PRO A 422 30.50 -6.50 -11.12
CA PRO A 422 30.30 -7.62 -10.21
C PRO A 422 30.26 -7.12 -8.76
N PRO A 423 29.55 -7.85 -7.88
CA PRO A 423 28.84 -9.10 -8.16
C PRO A 423 27.61 -8.86 -9.00
N LEU A 424 27.45 -9.59 -10.11
CA LEU A 424 26.21 -9.58 -10.87
C LEU A 424 25.17 -10.47 -10.19
N VAL A 425 23.90 -10.23 -10.53
CA VAL A 425 22.78 -10.97 -9.99
C VAL A 425 22.46 -12.09 -10.97
N LYS A 426 22.46 -13.31 -10.47
CA LYS A 426 22.29 -14.45 -11.35
C LYS A 426 21.45 -15.51 -10.65
N LEU A 427 20.92 -16.42 -11.47
CA LEU A 427 20.20 -17.59 -10.98
C LEU A 427 21.23 -18.69 -10.76
N TRP A 428 21.56 -18.96 -9.50
CA TRP A 428 22.56 -19.96 -9.18
C TRP A 428 22.19 -21.34 -9.69
N TYR A 429 20.91 -21.63 -9.90
CA TYR A 429 20.49 -22.91 -10.43
C TYR A 429 19.08 -22.78 -11.00
N GLN A 430 18.70 -23.78 -11.79
CA GLN A 430 17.35 -23.84 -12.34
C GLN A 430 16.88 -25.28 -12.39
N LEU A 431 15.70 -25.53 -11.82
CA LEU A 431 15.11 -26.85 -11.89
C LEU A 431 14.70 -27.19 -13.32
N GLU A 432 14.75 -28.48 -13.64
CA GLU A 432 14.25 -28.96 -14.92
C GLU A 432 12.74 -28.79 -14.98
N LYS A 433 12.24 -28.57 -16.21
CA LYS A 433 10.81 -28.49 -16.46
C LYS A 433 10.22 -29.81 -16.88
N GLU A 434 11.05 -30.79 -17.21
CA GLU A 434 10.66 -32.12 -17.70
C GLU A 434 11.52 -33.20 -17.03
N PRO A 435 10.95 -34.36 -16.69
CA PRO A 435 11.75 -35.43 -16.08
C PRO A 435 12.98 -35.75 -16.91
N ILE A 436 14.02 -36.31 -16.26
CA ILE A 436 15.32 -36.51 -16.88
C ILE A 436 15.47 -37.98 -17.25
N VAL A 437 15.78 -38.23 -18.52
CA VAL A 437 15.92 -39.62 -18.98
C VAL A 437 17.30 -40.14 -18.59
N GLY A 438 17.35 -41.38 -18.15
CA GLY A 438 18.61 -41.98 -17.77
C GLY A 438 19.13 -41.53 -16.43
N ALA A 439 18.39 -40.70 -15.68
CA ALA A 439 18.73 -40.36 -14.31
C ALA A 439 17.91 -41.20 -13.34
N GLU A 440 18.55 -41.57 -12.23
CA GLU A 440 17.91 -42.41 -11.22
C GLU A 440 16.73 -41.66 -10.61
N THR A 441 15.64 -42.37 -10.38
CA THR A 441 14.44 -41.77 -9.83
C THR A 441 14.34 -42.09 -8.35
N PHE A 442 14.43 -41.07 -7.50
CA PHE A 442 14.34 -41.25 -6.05
C PHE A 442 12.92 -40.96 -5.58
N TYR A 443 12.31 -41.92 -4.89
CA TYR A 443 11.06 -41.71 -4.18
C TYR A 443 11.40 -41.46 -2.72
N VAL A 444 11.18 -40.22 -2.26
CA VAL A 444 11.58 -39.79 -0.93
C VAL A 444 10.35 -39.65 -0.04
N ASP A 445 10.60 -39.69 1.27
CA ASP A 445 9.60 -39.48 2.30
C ASP A 445 10.31 -39.35 3.63
N GLY A 446 9.65 -38.69 4.56
CA GLY A 446 10.13 -38.60 5.91
C GLY A 446 8.95 -38.66 6.86
N ALA A 447 9.25 -38.82 8.13
CA ALA A 447 8.17 -38.77 9.08
C ALA A 447 8.76 -38.52 10.45
N ALA A 448 7.92 -38.02 11.34
CA ALA A 448 8.32 -37.79 12.72
C ALA A 448 7.13 -38.06 13.61
N ASN A 449 7.41 -38.42 14.86
CA ASN A 449 6.37 -38.62 15.84
C ASN A 449 6.07 -37.24 16.42
N ARG A 450 4.82 -36.80 16.28
CA ARG A 450 4.47 -35.45 16.72
C ARG A 450 4.62 -35.30 18.22
N GLU A 451 4.72 -36.40 18.96
CA GLU A 451 4.95 -36.39 20.40
C GLU A 451 6.44 -36.51 20.74
N THR A 452 7.08 -37.64 20.38
CA THR A 452 8.49 -37.84 20.70
C THR A 452 9.42 -36.95 19.88
N LYS A 453 8.93 -36.39 18.77
CA LYS A 453 9.75 -35.56 17.89
C LYS A 453 10.98 -36.30 17.35
N LEU A 454 10.94 -37.64 17.33
CA LEU A 454 11.95 -38.45 16.64
C LEU A 454 11.46 -38.77 15.23
N GLY A 455 12.40 -38.97 14.30
CA GLY A 455 11.94 -39.20 12.94
C GLY A 455 12.99 -39.84 12.02
N LYS A 456 12.58 -40.03 10.78
CA LYS A 456 13.43 -40.72 9.81
C LYS A 456 13.15 -40.20 8.41
N ALA A 457 14.21 -40.12 7.59
CA ALA A 457 14.09 -39.76 6.19
C ALA A 457 14.65 -40.89 5.34
N GLY A 458 14.00 -41.18 4.22
CA GLY A 458 14.59 -42.21 3.41
C GLY A 458 14.15 -42.19 1.97
N TYR A 459 14.69 -43.14 1.21
CA TYR A 459 14.35 -43.21 -0.20
C TYR A 459 14.35 -44.65 -0.67
N VAL A 460 13.84 -44.80 -1.88
CA VAL A 460 13.62 -46.04 -2.59
C VAL A 460 13.77 -45.59 -4.05
N THR A 461 14.71 -46.15 -4.81
CA THR A 461 14.89 -45.68 -6.17
C THR A 461 14.49 -46.75 -7.18
N ASN A 462 14.54 -46.39 -8.45
CA ASN A 462 14.18 -47.34 -9.50
C ASN A 462 15.30 -48.33 -9.76
N LYS A 463 16.55 -47.94 -9.54
CA LYS A 463 17.67 -48.88 -9.58
C LYS A 463 17.68 -49.86 -8.41
N GLY A 464 16.67 -49.86 -7.55
CA GLY A 464 16.61 -50.76 -6.41
C GLY A 464 17.29 -50.33 -5.11
N ARG A 465 17.88 -49.13 -5.03
CA ARG A 465 18.52 -48.69 -3.78
C ARG A 465 17.51 -48.15 -2.79
N GLN A 466 17.75 -48.43 -1.51
CA GLN A 466 16.87 -47.96 -0.44
C GLN A 466 17.73 -47.50 0.71
N LYS A 467 17.19 -46.60 1.53
CA LYS A 467 17.95 -46.13 2.66
C LYS A 467 17.03 -45.38 3.61
N VAL A 468 17.39 -45.43 4.89
CA VAL A 468 16.65 -44.75 5.93
C VAL A 468 17.68 -44.16 6.87
N VAL A 469 17.50 -42.91 7.27
CA VAL A 469 18.41 -42.21 8.15
C VAL A 469 17.62 -41.81 9.39
N PRO A 470 18.14 -42.02 10.60
CA PRO A 470 17.37 -41.66 11.79
C PRO A 470 17.52 -40.18 12.10
N LEU A 471 16.44 -39.57 12.59
CA LEU A 471 16.41 -38.13 12.87
C LEU A 471 15.83 -37.84 14.26
N THR A 472 16.51 -36.97 15.00
CA THR A 472 16.11 -36.62 16.37
C THR A 472 15.61 -35.17 16.47
N ASN A 473 14.52 -34.99 17.21
CA ASN A 473 13.98 -33.67 17.56
C ASN A 473 13.72 -32.82 16.31
N THR A 474 12.72 -33.28 15.57
CA THR A 474 12.39 -32.75 14.26
C THR A 474 10.88 -32.79 14.13
N THR A 475 10.39 -32.19 13.04
CA THR A 475 8.97 -32.13 12.73
C THR A 475 8.73 -32.83 11.41
N ASN A 476 7.47 -33.15 11.15
CA ASN A 476 7.15 -33.73 9.86
C ASN A 476 7.64 -32.87 8.73
N GLN A 477 7.63 -31.56 8.91
CA GLN A 477 8.02 -30.70 7.80
C GLN A 477 9.51 -30.75 7.57
N LYS A 478 10.28 -30.69 8.65
CA LYS A 478 11.72 -30.75 8.49
C LYS A 478 12.14 -32.09 7.86
N THR A 479 11.51 -33.20 8.28
CA THR A 479 11.90 -34.50 7.72
C THR A 479 11.63 -34.55 6.23
N GLU A 480 10.53 -33.95 5.78
CA GLU A 480 10.24 -33.97 4.35
C GLU A 480 11.29 -33.22 3.55
N LEU A 481 11.89 -32.17 4.10
CA LEU A 481 13.01 -31.58 3.40
C LEU A 481 14.25 -32.42 3.58
N GLN A 482 14.33 -33.11 4.70
CA GLN A 482 15.50 -33.94 4.93
C GLN A 482 15.56 -35.10 3.94
N ALA A 483 14.41 -35.73 3.66
CA ALA A 483 14.31 -36.72 2.60
C ALA A 483 14.84 -36.19 1.28
N ILE A 484 14.46 -34.97 0.94
CA ILE A 484 14.94 -34.42 -0.32
C ILE A 484 16.44 -34.20 -0.27
N TYR A 485 16.94 -33.79 0.89
CA TYR A 485 18.37 -33.55 1.02
C TYR A 485 19.14 -34.85 0.88
N LEU A 486 18.58 -35.94 1.41
CA LEU A 486 19.22 -37.25 1.37
C LEU A 486 19.37 -37.73 -0.08
N ALA A 487 18.30 -37.59 -0.86
CA ALA A 487 18.33 -37.98 -2.27
C ALA A 487 19.33 -37.14 -3.04
N LEU A 488 19.46 -35.86 -2.71
CA LEU A 488 20.50 -35.09 -3.37
C LEU A 488 21.89 -35.62 -3.03
N GLN A 489 22.12 -35.96 -1.76
CA GLN A 489 23.44 -36.41 -1.32
C GLN A 489 23.85 -37.69 -2.02
N ASP A 490 22.90 -38.59 -2.24
CA ASP A 490 23.16 -39.96 -2.66
C ASP A 490 22.97 -40.19 -4.15
N SER A 491 22.75 -39.14 -4.94
CA SER A 491 22.47 -39.24 -6.35
C SER A 491 23.66 -38.76 -7.15
N GLY A 492 23.64 -39.08 -8.45
CA GLY A 492 24.64 -38.57 -9.37
C GLY A 492 24.27 -37.15 -9.76
N LEU A 493 24.87 -36.68 -10.84
CA LEU A 493 24.72 -35.27 -11.19
C LEU A 493 23.35 -34.94 -11.78
N GLU A 494 22.56 -35.96 -12.15
CA GLU A 494 21.20 -35.82 -12.60
C GLU A 494 20.29 -36.67 -11.71
N VAL A 495 19.21 -36.08 -11.19
CA VAL A 495 18.32 -36.88 -10.35
C VAL A 495 16.88 -36.41 -10.52
N ASN A 496 15.98 -37.36 -10.73
CA ASN A 496 14.55 -37.14 -10.57
C ASN A 496 14.14 -37.51 -9.15
N ILE A 497 13.58 -36.56 -8.41
CA ILE A 497 13.05 -36.79 -7.07
C ILE A 497 11.54 -36.68 -7.11
N VAL A 498 10.86 -37.54 -6.37
CA VAL A 498 9.41 -37.54 -6.25
C VAL A 498 9.06 -37.47 -4.77
N THR A 499 8.25 -36.48 -4.40
CA THR A 499 7.87 -36.21 -3.02
C THR A 499 6.34 -36.13 -2.92
N ASP A 500 5.80 -36.47 -1.75
CA ASP A 500 4.38 -36.29 -1.49
C ASP A 500 4.10 -35.05 -0.66
N SER A 501 5.12 -34.22 -0.42
CA SER A 501 5.06 -33.11 0.53
C SER A 501 4.82 -31.77 -0.21
N GLN A 502 3.59 -31.25 -0.11
CA GLN A 502 3.32 -29.91 -0.67
C GLN A 502 4.21 -28.86 -0.01
N TYR A 503 4.36 -28.93 1.31
CA TYR A 503 5.29 -28.05 1.98
C TYR A 503 6.63 -28.02 1.28
N ALA A 504 7.25 -29.19 1.15
CA ALA A 504 8.62 -29.24 0.64
C ALA A 504 8.67 -28.88 -0.82
N LEU A 505 7.67 -29.28 -1.59
CA LEU A 505 7.62 -28.86 -2.99
C LEU A 505 7.59 -27.33 -3.10
N GLY A 506 6.65 -26.69 -2.38
CA GLY A 506 6.56 -25.25 -2.47
C GLY A 506 7.88 -24.58 -2.18
N ILE A 507 8.62 -25.08 -1.20
CA ILE A 507 9.83 -24.36 -0.81
C ILE A 507 10.92 -24.48 -1.86
N ILE A 508 10.96 -25.58 -2.61
CA ILE A 508 12.00 -25.76 -3.60
C ILE A 508 11.61 -25.17 -4.94
N GLN A 509 10.37 -25.41 -5.38
CA GLN A 509 9.88 -24.79 -6.60
C GLN A 509 10.07 -23.28 -6.60
N ALA A 510 10.03 -22.64 -5.43
CA ALA A 510 10.28 -21.21 -5.37
C ALA A 510 11.72 -20.85 -5.63
N GLN A 511 12.59 -21.86 -5.71
CA GLN A 511 13.97 -21.69 -6.17
C GLN A 511 14.78 -20.69 -5.36
N PRO A 512 14.73 -20.76 -4.03
CA PRO A 512 15.49 -19.84 -3.20
C PRO A 512 16.97 -20.08 -3.41
N ASP A 513 17.76 -19.04 -3.12
CA ASP A 513 19.21 -19.18 -3.02
C ASP A 513 19.71 -18.74 -1.65
N LYS A 514 18.81 -18.47 -0.72
CA LYS A 514 19.20 -18.08 0.63
C LYS A 514 18.01 -18.30 1.56
N SER A 515 18.31 -18.71 2.80
CA SER A 515 17.27 -19.10 3.74
C SER A 515 17.76 -18.81 5.16
N GLU A 516 16.79 -18.75 6.08
CA GLU A 516 17.10 -18.79 7.50
C GLU A 516 17.32 -20.22 7.99
N SER A 517 16.91 -21.23 7.21
CA SER A 517 17.00 -22.64 7.60
C SER A 517 18.37 -23.21 7.27
N GLU A 518 19.02 -23.82 8.25
CA GLU A 518 20.30 -24.48 7.95
C GLU A 518 20.09 -25.62 6.95
N LEU A 519 19.05 -26.43 7.16
CA LEU A 519 18.71 -27.48 6.20
C LEU A 519 18.52 -26.91 4.79
N VAL A 520 17.68 -25.89 4.65
CA VAL A 520 17.42 -25.38 3.31
C VAL A 520 18.69 -24.82 2.68
N ASN A 521 19.56 -24.17 3.47
CA ASN A 521 20.84 -23.74 2.90
C ASN A 521 21.63 -24.93 2.37
N GLN A 522 21.57 -26.08 3.06
CA GLN A 522 22.29 -27.27 2.61
C GLN A 522 21.73 -27.80 1.31
N ILE A 523 20.41 -27.87 1.22
CA ILE A 523 19.79 -28.29 -0.04
C ILE A 523 20.23 -27.37 -1.16
N ILE A 524 20.27 -26.07 -0.89
CA ILE A 524 20.67 -25.11 -1.91
C ILE A 524 22.09 -25.42 -2.38
N GLU A 525 23.00 -25.66 -1.44
CA GLU A 525 24.36 -26.02 -1.83
C GLU A 525 24.36 -27.25 -2.74
N GLN A 526 23.53 -28.25 -2.43
CA GLN A 526 23.45 -29.43 -3.27
C GLN A 526 22.91 -29.12 -4.66
N LEU A 527 21.79 -28.37 -4.73
CA LEU A 527 21.19 -28.07 -6.04
C LEU A 527 22.14 -27.32 -6.95
N ILE A 528 23.01 -26.49 -6.38
CA ILE A 528 23.98 -25.81 -7.22
C ILE A 528 24.96 -26.82 -7.83
N LYS A 529 25.46 -27.77 -7.03
CA LYS A 529 26.42 -28.75 -7.53
C LYS A 529 25.80 -29.74 -8.53
N LYS A 530 24.49 -29.88 -8.59
CA LYS A 530 23.92 -30.80 -9.57
C LYS A 530 23.88 -30.17 -10.95
N GLU A 531 23.71 -31.01 -11.96
CA GLU A 531 23.53 -30.45 -13.29
C GLU A 531 22.05 -30.34 -13.65
N LYS A 532 21.30 -31.40 -13.41
CA LYS A 532 19.88 -31.43 -13.68
C LYS A 532 19.17 -32.10 -12.52
N VAL A 533 18.19 -31.41 -11.97
CA VAL A 533 17.30 -31.93 -10.95
C VAL A 533 15.89 -31.70 -11.46
N TYR A 534 15.07 -32.75 -11.46
CA TYR A 534 13.63 -32.61 -11.66
C TYR A 534 12.93 -33.01 -10.36
N LEU A 535 11.98 -32.19 -9.93
CA LEU A 535 11.23 -32.42 -8.70
C LEU A 535 9.76 -32.58 -9.02
N ALA A 536 9.16 -33.64 -8.50
CA ALA A 536 7.79 -33.98 -8.89
C ALA A 536 6.98 -34.35 -7.65
N TRP A 537 5.68 -34.12 -7.75
CA TRP A 537 4.79 -34.25 -6.61
C TRP A 537 3.73 -35.29 -6.92
N VAL A 538 3.38 -36.08 -5.90
CA VAL A 538 2.24 -37.00 -6.01
C VAL A 538 1.47 -36.98 -4.71
N PRO A 539 0.15 -37.09 -4.79
CA PRO A 539 -0.67 -37.13 -3.57
C PRO A 539 -0.29 -38.28 -2.67
N ALA A 540 -0.24 -38.03 -1.37
CA ALA A 540 0.16 -39.09 -0.43
C ALA A 540 -0.95 -40.13 -0.27
N HIS A 541 -0.54 -41.31 0.17
CA HIS A 541 -1.43 -42.41 0.56
C HIS A 541 -2.46 -42.71 -0.53
N LYS A 542 -2.03 -42.66 -1.79
CA LYS A 542 -2.88 -43.08 -2.90
C LYS A 542 -2.31 -44.28 -3.65
N GLY A 543 -1.33 -44.99 -3.07
CA GLY A 543 -0.71 -46.15 -3.67
C GLY A 543 -0.12 -45.92 -5.04
N ILE A 544 0.63 -44.83 -5.22
CA ILE A 544 1.11 -44.50 -6.56
C ILE A 544 2.20 -45.46 -7.00
N GLY A 545 3.09 -45.83 -6.10
CA GLY A 545 4.15 -46.71 -6.54
C GLY A 545 5.40 -45.90 -6.68
N GLY A 546 6.44 -46.34 -5.99
CA GLY A 546 7.56 -45.49 -5.67
C GLY A 546 7.20 -44.82 -4.36
N ASN A 547 6.21 -43.95 -4.41
CA ASN A 547 5.77 -43.26 -3.21
C ASN A 547 5.24 -44.23 -2.17
N GLU A 548 4.46 -45.23 -2.60
CA GLU A 548 3.93 -46.19 -1.63
C GLU A 548 5.03 -46.95 -0.92
N GLN A 549 6.10 -47.34 -1.64
CA GLN A 549 7.17 -48.14 -1.03
C GLN A 549 8.00 -47.33 -0.03
N VAL A 550 8.31 -46.04 -0.32
CA VAL A 550 9.04 -45.22 0.65
C VAL A 550 8.19 -44.98 1.87
N ASP A 551 6.88 -44.82 1.66
CA ASP A 551 5.96 -44.62 2.77
C ASP A 551 5.99 -45.84 3.69
N LYS A 552 5.82 -47.04 3.11
CA LYS A 552 5.91 -48.26 3.93
C LYS A 552 7.27 -48.32 4.61
N LEU A 553 8.34 -48.10 3.83
CA LEU A 553 9.69 -48.07 4.39
C LEU A 553 9.74 -47.16 5.61
N VAL A 554 9.49 -45.88 5.40
CA VAL A 554 9.71 -44.89 6.44
C VAL A 554 8.75 -45.06 7.60
N SER A 555 7.64 -45.77 7.41
CA SER A 555 6.70 -45.93 8.53
C SER A 555 7.05 -47.10 9.45
N ALA A 556 7.66 -48.17 8.94
CA ALA A 556 7.99 -49.37 9.73
C ALA A 556 8.93 -49.04 10.89
N ILE B 5 -32.91 21.28 -5.89
CA ILE B 5 -32.68 22.46 -5.06
C ILE B 5 -32.70 22.11 -3.56
N GLU B 6 -33.62 21.26 -3.13
CA GLU B 6 -33.62 20.75 -1.75
C GLU B 6 -32.75 19.50 -1.64
N THR B 7 -32.05 19.36 -0.52
CA THR B 7 -31.11 18.26 -0.33
C THR B 7 -31.73 17.16 0.52
N VAL B 8 -31.31 15.94 0.25
CA VAL B 8 -31.71 14.78 1.02
C VAL B 8 -30.80 14.62 2.23
N PRO B 9 -31.35 14.60 3.45
CA PRO B 9 -30.49 14.37 4.62
C PRO B 9 -29.74 13.06 4.48
N VAL B 10 -28.51 13.04 4.96
CA VAL B 10 -27.70 11.82 4.92
C VAL B 10 -27.05 11.62 6.29
N LYS B 11 -27.00 10.37 6.72
CA LYS B 11 -26.47 10.01 8.01
C LYS B 11 -25.49 8.86 7.86
N LEU B 12 -24.52 8.82 8.76
CA LEU B 12 -23.65 7.65 8.85
C LEU B 12 -24.29 6.66 9.82
N LYS B 13 -23.82 5.42 9.73
CA LYS B 13 -24.30 4.35 10.60
C LYS B 13 -24.21 4.79 12.05
N PRO B 14 -24.81 4.04 12.97
CA PRO B 14 -24.71 4.42 14.40
C PRO B 14 -23.27 4.42 14.88
N GLY B 15 -22.88 5.52 15.54
CA GLY B 15 -21.60 5.61 16.21
C GLY B 15 -20.42 5.38 15.30
N MET B 16 -20.52 5.85 14.06
CA MET B 16 -19.48 5.67 13.05
C MET B 16 -18.95 7.04 12.66
N ASP B 17 -17.64 7.24 12.79
CA ASP B 17 -17.07 8.50 12.38
C ASP B 17 -16.56 8.43 10.95
N GLY B 18 -16.53 9.58 10.29
CA GLY B 18 -16.16 9.66 8.90
C GLY B 18 -14.79 9.09 8.57
N PRO B 19 -14.50 9.01 7.27
CA PRO B 19 -13.26 8.38 6.82
C PRO B 19 -12.07 9.27 7.12
N LYS B 20 -10.95 8.63 7.46
CA LYS B 20 -9.68 9.31 7.72
C LYS B 20 -8.56 8.54 7.04
N VAL B 21 -8.70 8.31 5.77
CA VAL B 21 -7.75 7.52 5.02
C VAL B 21 -6.62 8.42 4.50
N LYS B 22 -5.44 7.85 4.34
CA LYS B 22 -4.28 8.64 3.93
C LYS B 22 -4.22 8.80 2.43
N GLN B 23 -3.80 9.99 1.99
CA GLN B 23 -3.60 10.25 0.57
C GLN B 23 -2.29 9.62 0.12
N TRP B 24 -2.35 8.87 -0.94
CA TRP B 24 -1.13 8.26 -1.46
C TRP B 24 -0.32 9.30 -2.22
N PRO B 25 1.00 9.25 -2.15
CA PRO B 25 1.80 10.21 -2.92
C PRO B 25 1.64 9.98 -4.42
N LEU B 26 1.78 11.06 -5.19
CA LEU B 26 1.51 11.00 -6.63
C LEU B 26 2.66 11.66 -7.40
N THR B 27 2.79 11.25 -8.66
CA THR B 27 3.74 11.91 -9.53
C THR B 27 3.32 13.33 -9.83
N GLU B 28 4.32 14.19 -9.99
CA GLU B 28 4.08 15.58 -10.33
C GLU B 28 3.03 15.70 -11.45
N GLU B 29 3.08 14.77 -12.41
CA GLU B 29 2.17 14.84 -13.56
C GLU B 29 0.72 14.61 -13.16
N LYS B 30 0.47 13.67 -12.23
CA LYS B 30 -0.88 13.45 -11.72
C LYS B 30 -1.32 14.57 -10.79
N ILE B 31 -0.41 15.16 -10.01
CA ILE B 31 -0.81 16.29 -9.18
C ILE B 31 -1.23 17.47 -10.06
N LYS B 32 -0.40 17.86 -11.03
CA LYS B 32 -0.78 18.99 -11.87
C LYS B 32 -2.11 18.70 -12.56
N ALA B 33 -2.36 17.45 -12.92
CA ALA B 33 -3.66 17.15 -13.51
C ALA B 33 -4.78 17.35 -12.50
N LEU B 34 -4.58 16.93 -11.26
CA LEU B 34 -5.63 17.10 -10.25
C LEU B 34 -5.89 18.57 -9.95
N VAL B 35 -4.84 19.37 -9.97
CA VAL B 35 -5.01 20.78 -9.61
C VAL B 35 -5.82 21.51 -10.68
N GLU B 36 -5.59 21.19 -11.95
CA GLU B 36 -6.41 21.77 -13.01
C GLU B 36 -7.84 21.34 -12.89
N ILE B 37 -8.09 20.03 -12.78
CA ILE B 37 -9.46 19.54 -12.66
C ILE B 37 -10.17 20.20 -11.48
N CYS B 38 -9.49 20.28 -10.33
CA CYS B 38 -10.15 20.82 -9.15
C CYS B 38 -10.30 22.33 -9.22
N THR B 39 -9.36 23.03 -9.86
CA THR B 39 -9.54 24.45 -10.02
C THR B 39 -10.81 24.76 -10.82
N GLU B 40 -11.11 23.95 -11.85
CA GLU B 40 -12.35 24.13 -12.59
C GLU B 40 -13.58 23.68 -11.79
N MET B 41 -13.50 22.54 -11.09
CA MET B 41 -14.62 22.13 -10.24
C MET B 41 -14.92 23.19 -9.17
N GLU B 42 -13.92 23.93 -8.72
CA GLU B 42 -14.20 24.98 -7.75
C GLU B 42 -14.96 26.14 -8.40
N LYS B 43 -14.56 26.51 -9.62
CA LYS B 43 -15.26 27.59 -10.31
C LYS B 43 -16.70 27.23 -10.57
N GLU B 44 -16.99 25.95 -10.80
CA GLU B 44 -18.35 25.56 -11.07
C GLU B 44 -19.15 25.28 -9.82
N GLY B 45 -18.60 25.51 -8.64
CA GLY B 45 -19.38 25.31 -7.45
C GLY B 45 -19.41 23.89 -6.93
N LYS B 46 -18.80 22.92 -7.63
CA LYS B 46 -18.96 21.53 -7.25
C LYS B 46 -18.16 21.16 -6.01
N ILE B 47 -17.03 21.83 -5.75
CA ILE B 47 -16.25 21.61 -4.55
C ILE B 47 -15.80 22.96 -4.01
N SER B 48 -15.49 22.99 -2.71
CA SER B 48 -14.99 24.19 -2.05
C SER B 48 -13.81 23.88 -1.15
N LYS B 49 -12.91 24.83 -1.00
CA LYS B 49 -11.80 24.64 -0.08
C LYS B 49 -12.29 24.55 1.36
N ILE B 50 -11.52 23.86 2.22
CA ILE B 50 -11.89 23.57 3.60
C ILE B 50 -10.74 23.91 4.53
N GLY B 51 -11.06 24.08 5.80
CA GLY B 51 -10.10 24.48 6.79
C GLY B 51 -9.64 23.35 7.69
N PRO B 52 -8.71 23.66 8.60
CA PRO B 52 -8.14 22.62 9.46
C PRO B 52 -9.14 21.94 10.40
N GLU B 53 -10.31 22.52 10.64
CA GLU B 53 -11.25 21.91 11.56
C GLU B 53 -11.99 20.71 10.97
N ASN B 54 -11.69 20.34 9.72
CA ASN B 54 -12.22 19.14 9.10
C ASN B 54 -11.11 18.11 9.09
N PRO B 55 -11.19 17.05 9.89
CA PRO B 55 -10.11 16.05 9.94
C PRO B 55 -10.29 14.88 8.99
N TYR B 56 -11.35 14.87 8.20
CA TYR B 56 -11.69 13.71 7.38
C TYR B 56 -10.84 13.69 6.11
N ASN B 57 -10.63 12.49 5.57
CA ASN B 57 -9.94 12.43 4.30
C ASN B 57 -10.24 11.15 3.54
N THR B 58 -10.37 11.28 2.21
CA THR B 58 -10.56 10.19 1.27
C THR B 58 -9.52 10.29 0.15
N PRO B 59 -8.91 9.19 -0.27
CA PRO B 59 -7.84 9.31 -1.26
C PRO B 59 -8.40 9.66 -2.64
N VAL B 60 -7.58 10.38 -3.45
CA VAL B 60 -7.90 10.70 -4.83
C VAL B 60 -6.76 10.30 -5.75
N PHE B 61 -7.12 9.98 -7.00
CA PHE B 61 -6.19 9.55 -8.02
C PHE B 61 -6.57 10.20 -9.34
N ALA B 62 -5.57 10.44 -10.18
CA ALA B 62 -5.79 10.77 -11.58
C ALA B 62 -5.64 9.52 -12.44
N ILE B 63 -6.60 9.30 -13.35
CA ILE B 63 -6.54 8.24 -14.35
C ILE B 63 -7.00 8.78 -15.69
N LYS B 64 -7.09 7.87 -16.68
CA LYS B 64 -7.62 8.17 -18.01
C LYS B 64 -8.66 7.10 -18.37
N LYS B 65 -9.89 7.52 -18.69
CA LYS B 65 -10.92 6.57 -19.16
C LYS B 65 -10.94 6.52 -20.70
N SER B 68 -8.95 7.64 -22.75
CA SER B 68 -8.85 8.86 -23.55
C SER B 68 -7.55 9.59 -23.24
N THR B 69 -7.33 10.72 -23.93
CA THR B 69 -6.16 11.56 -23.72
C THR B 69 -6.35 12.61 -22.62
N LYS B 70 -7.56 12.73 -22.06
CA LYS B 70 -7.87 13.75 -21.07
C LYS B 70 -7.82 13.13 -19.67
N TRP B 71 -7.05 13.75 -18.78
CA TRP B 71 -6.96 13.27 -17.41
C TRP B 71 -8.33 13.36 -16.73
N ARG B 72 -8.61 12.38 -15.89
CA ARG B 72 -9.84 12.32 -15.13
C ARG B 72 -9.50 12.11 -13.66
N LYS B 73 -10.38 12.52 -12.77
CA LYS B 73 -10.13 12.37 -11.33
C LYS B 73 -10.96 11.23 -10.77
N LEU B 74 -10.33 10.39 -9.95
CA LEU B 74 -11.03 9.26 -9.34
C LEU B 74 -10.84 9.31 -7.84
N VAL B 75 -11.94 9.24 -7.09
CA VAL B 75 -11.92 9.27 -5.64
C VAL B 75 -12.23 7.87 -5.11
N ASP B 76 -11.40 7.39 -4.19
CA ASP B 76 -11.57 6.10 -3.53
C ASP B 76 -12.51 6.31 -2.35
N PHE B 77 -13.80 6.22 -2.59
CA PHE B 77 -14.78 6.33 -1.52
C PHE B 77 -15.08 4.99 -0.87
N ARG B 78 -14.20 4.00 -0.99
CA ARG B 78 -14.44 2.69 -0.37
C ARG B 78 -14.67 2.83 1.14
N GLU B 79 -13.83 3.57 1.83
CA GLU B 79 -14.07 3.71 3.26
C GLU B 79 -15.35 4.49 3.55
N LEU B 80 -15.62 5.58 2.84
CA LEU B 80 -16.86 6.31 3.11
C LEU B 80 -18.06 5.46 2.78
N ASN B 81 -17.95 4.60 1.76
CA ASN B 81 -19.05 3.71 1.41
C ASN B 81 -19.34 2.72 2.54
N LYS B 82 -18.32 2.06 3.10
CA LYS B 82 -18.60 1.15 4.22
C LYS B 82 -19.29 1.86 5.37
N ARG B 83 -19.04 3.17 5.52
CA ARG B 83 -19.48 3.91 6.69
C ARG B 83 -20.81 4.59 6.48
N THR B 84 -21.40 4.47 5.29
CA THR B 84 -22.74 4.96 5.01
C THR B 84 -23.71 3.84 4.67
N GLN B 85 -23.25 2.59 4.68
CA GLN B 85 -23.82 1.51 3.85
C GLN B 85 -25.28 1.22 4.12
N ASP B 86 -25.68 1.24 5.39
CA ASP B 86 -27.11 1.17 5.70
C ASP B 86 -27.87 2.20 4.87
N PHE B 87 -27.31 3.40 4.72
CA PHE B 87 -28.02 4.45 4.00
C PHE B 87 -28.34 4.04 2.55
N TRP B 88 -27.34 3.53 1.80
CA TRP B 88 -27.47 3.23 0.37
C TRP B 88 -27.76 1.76 0.05
N GLU B 89 -27.60 0.84 1.01
CA GLU B 89 -27.95 -0.56 0.81
C GLU B 89 -29.32 -0.91 1.38
N VAL B 90 -29.66 -0.37 2.55
CA VAL B 90 -30.96 -0.60 3.19
C VAL B 90 -31.89 0.59 2.94
N GLN B 91 -31.49 1.78 3.42
CA GLN B 91 -32.36 2.94 3.36
C GLN B 91 -32.83 3.21 1.93
N LEU B 92 -31.93 3.06 0.97
CA LEU B 92 -32.20 3.29 -0.44
C LEU B 92 -31.86 2.03 -1.24
N GLY B 93 -31.77 2.18 -2.56
CA GLY B 93 -31.51 1.08 -3.49
C GLY B 93 -30.75 -0.09 -2.89
N PRO B 95 -31.45 -2.50 -6.14
CA PRO B 95 -32.20 -3.67 -6.64
C PRO B 95 -31.57 -4.27 -7.92
N HIS B 96 -31.19 -5.57 -7.90
CA HIS B 96 -30.51 -6.22 -9.04
C HIS B 96 -31.41 -7.22 -9.75
N PRO B 97 -31.53 -7.11 -11.08
CA PRO B 97 -32.32 -8.06 -11.88
C PRO B 97 -31.54 -9.29 -12.29
N ALA B 98 -32.23 -10.42 -12.30
CA ALA B 98 -31.57 -11.68 -12.63
C ALA B 98 -31.50 -11.96 -14.12
N GLY B 99 -32.16 -11.16 -14.95
CA GLY B 99 -32.19 -11.49 -16.37
C GLY B 99 -31.11 -10.87 -17.21
N LEU B 100 -30.41 -9.89 -16.63
CA LEU B 100 -29.37 -9.16 -17.35
C LEU B 100 -28.23 -10.07 -17.78
N LYS B 101 -27.85 -11.05 -16.95
CA LYS B 101 -26.81 -11.98 -17.38
C LYS B 101 -27.23 -12.79 -18.59
N LYS B 102 -28.55 -12.88 -18.85
CA LYS B 102 -29.09 -13.70 -19.93
C LYS B 102 -29.13 -13.00 -21.27
N LYS B 103 -29.21 -11.67 -21.29
CA LYS B 103 -29.26 -10.96 -22.56
C LYS B 103 -28.03 -11.27 -23.40
N LYS B 104 -28.20 -11.16 -24.73
CA LYS B 104 -27.11 -11.39 -25.66
C LYS B 104 -26.19 -10.18 -25.83
N SER B 105 -26.70 -8.97 -25.63
CA SER B 105 -25.84 -7.79 -25.62
C SER B 105 -26.10 -6.98 -24.36
N VAL B 106 -25.05 -6.39 -23.82
CA VAL B 106 -25.17 -5.50 -22.68
C VAL B 106 -24.18 -4.38 -22.87
N THR B 107 -24.66 -3.15 -22.85
CA THR B 107 -23.82 -2.00 -23.04
C THR B 107 -23.78 -1.21 -21.74
N VAL B 108 -22.59 -0.70 -21.41
CA VAL B 108 -22.39 0.08 -20.20
C VAL B 108 -22.31 1.54 -20.56
N LEU B 109 -23.14 2.36 -19.92
CA LEU B 109 -23.18 3.80 -20.17
C LEU B 109 -22.78 4.53 -18.90
N ASP B 110 -21.76 5.40 -19.01
CA ASP B 110 -21.37 6.26 -17.88
C ASP B 110 -22.38 7.39 -17.75
N VAL B 111 -23.11 7.44 -16.64
CA VAL B 111 -24.07 8.49 -16.38
C VAL B 111 -23.72 9.27 -15.12
N GLY B 112 -22.45 9.23 -14.70
CA GLY B 112 -22.05 9.83 -13.44
C GLY B 112 -22.10 11.35 -13.43
N ASP B 113 -21.97 11.99 -14.59
CA ASP B 113 -22.05 13.45 -14.64
C ASP B 113 -23.42 13.97 -14.21
N ALA B 114 -24.45 13.12 -14.23
CA ALA B 114 -25.77 13.53 -13.80
C ALA B 114 -25.77 13.94 -12.32
N TYR B 115 -24.85 13.38 -11.53
CA TYR B 115 -24.82 13.65 -10.10
C TYR B 115 -24.45 15.10 -9.78
N PHE B 116 -23.79 15.82 -10.68
CA PHE B 116 -23.28 17.14 -10.33
C PHE B 116 -24.37 18.21 -10.43
N SER B 117 -25.58 17.78 -10.71
CA SER B 117 -26.74 18.65 -10.75
C SER B 117 -27.49 18.67 -9.42
N VAL B 118 -27.00 17.98 -8.40
CA VAL B 118 -27.76 17.73 -7.20
C VAL B 118 -26.98 18.11 -5.95
N PRO B 119 -27.43 19.07 -5.15
CA PRO B 119 -26.68 19.46 -3.96
C PRO B 119 -26.60 18.33 -2.95
N LEU B 120 -25.53 18.32 -2.20
CA LEU B 120 -25.33 17.37 -1.13
C LEU B 120 -25.75 18.01 0.20
N ASP B 121 -26.28 17.17 1.08
CA ASP B 121 -26.65 17.61 2.43
C ASP B 121 -25.51 18.39 3.06
N GLU B 122 -25.76 19.67 3.39
CA GLU B 122 -24.69 20.51 3.92
C GLU B 122 -24.04 19.92 5.16
N ASP B 123 -24.79 19.15 5.96
CA ASP B 123 -24.18 18.55 7.15
C ASP B 123 -23.31 17.34 6.86
N PHE B 124 -23.35 16.81 5.64
CA PHE B 124 -22.59 15.63 5.28
C PHE B 124 -21.36 15.96 4.46
N ARG B 125 -21.25 17.19 3.94
CA ARG B 125 -20.18 17.52 3.00
C ARG B 125 -18.81 17.32 3.63
N LYS B 126 -18.69 17.64 4.91
CA LYS B 126 -17.42 17.49 5.57
C LYS B 126 -16.91 16.06 5.47
N TYR B 127 -17.80 15.09 5.29
CA TYR B 127 -17.27 13.73 5.21
C TYR B 127 -16.68 13.40 3.85
N THR B 128 -16.82 14.28 2.86
CA THR B 128 -16.26 14.02 1.55
C THR B 128 -14.89 14.66 1.37
N ALA B 129 -14.29 15.21 2.43
CA ALA B 129 -13.00 15.86 2.31
C ALA B 129 -12.01 15.00 1.52
N PHE B 130 -11.18 15.65 0.69
CA PHE B 130 -10.08 14.97 0.05
C PHE B 130 -8.92 15.95 -0.12
N THR B 131 -7.72 15.40 -0.37
CA THR B 131 -6.49 16.17 -0.36
C THR B 131 -5.73 15.95 -1.66
N ILE B 132 -5.30 17.03 -2.29
CA ILE B 132 -4.32 16.95 -3.37
C ILE B 132 -2.95 17.07 -2.73
N PRO B 133 -2.12 16.03 -2.80
CA PRO B 133 -0.83 16.07 -2.11
C PRO B 133 0.14 16.99 -2.82
N SER B 134 1.13 17.46 -2.06
CA SER B 134 2.31 18.11 -2.62
C SER B 134 3.48 17.13 -2.70
N ILE B 135 4.47 17.53 -3.49
CA ILE B 135 5.72 16.81 -3.62
C ILE B 135 6.62 17.12 -2.42
N ASN B 136 7.28 16.09 -1.92
CA ASN B 136 8.29 16.22 -0.88
C ASN B 136 7.79 17.00 0.33
N ASN B 137 6.50 16.89 0.64
CA ASN B 137 5.92 17.59 1.78
C ASN B 137 6.29 19.07 1.78
N GLU B 138 6.51 19.65 0.59
CA GLU B 138 6.87 21.07 0.49
C GLU B 138 5.79 21.98 1.08
N THR B 139 4.53 21.65 0.84
CA THR B 139 3.40 22.42 1.28
C THR B 139 2.37 21.45 1.83
N PRO B 140 1.51 21.90 2.72
CA PRO B 140 0.36 21.07 3.06
C PRO B 140 -0.44 20.86 1.79
N GLY B 141 -1.00 19.67 1.60
CA GLY B 141 -1.83 19.44 0.44
C GLY B 141 -2.93 20.49 0.31
N ILE B 142 -3.56 20.51 -0.87
CA ILE B 142 -4.76 21.30 -1.08
C ILE B 142 -5.97 20.48 -0.65
N ARG B 143 -6.83 21.07 0.17
CA ARG B 143 -7.97 20.38 0.78
C ARG B 143 -9.31 20.93 0.29
N TYR B 144 -10.17 20.02 -0.17
CA TYR B 144 -11.51 20.34 -0.65
C TYR B 144 -12.54 19.42 0.00
N GLN B 145 -13.79 19.86 -0.02
CA GLN B 145 -14.93 18.95 0.11
C GLN B 145 -15.95 19.20 -0.98
N TYR B 146 -16.93 18.33 -1.01
CA TYR B 146 -17.89 18.30 -2.11
C TYR B 146 -19.16 19.06 -1.77
N ASN B 147 -19.63 19.87 -2.72
CA ASN B 147 -20.91 20.56 -2.58
C ASN B 147 -22.07 19.81 -3.22
N VAL B 148 -21.78 18.96 -4.19
CA VAL B 148 -22.80 18.21 -4.93
C VAL B 148 -22.58 16.71 -4.72
N LEU B 149 -23.41 15.90 -5.35
CA LEU B 149 -23.27 14.46 -5.18
C LEU B 149 -22.00 14.03 -5.89
N PRO B 150 -21.08 13.36 -5.22
CA PRO B 150 -19.83 12.93 -5.88
C PRO B 150 -19.99 11.61 -6.60
N GLN B 151 -19.27 11.48 -7.70
CA GLN B 151 -19.08 10.17 -8.32
C GLN B 151 -18.35 9.24 -7.37
N GLY B 152 -18.82 8.00 -7.28
CA GLY B 152 -18.14 6.98 -6.52
C GLY B 152 -18.69 6.78 -5.12
N TRP B 153 -19.42 7.74 -4.60
CA TRP B 153 -20.13 7.53 -3.34
C TRP B 153 -21.40 6.74 -3.59
N LYS B 154 -21.63 5.69 -2.80
CA LYS B 154 -22.83 4.92 -3.01
C LYS B 154 -24.10 5.73 -2.70
N GLY B 155 -23.99 6.86 -2.01
CA GLY B 155 -25.16 7.70 -1.81
C GLY B 155 -25.67 8.35 -3.08
N SER B 156 -24.79 8.62 -4.05
CA SER B 156 -25.23 9.41 -5.20
C SER B 156 -26.27 8.68 -6.03
N PRO B 157 -26.05 7.45 -6.49
CA PRO B 157 -27.13 6.75 -7.23
C PRO B 157 -28.39 6.58 -6.40
N ALA B 158 -28.25 6.36 -5.09
CA ALA B 158 -29.42 6.21 -4.23
C ALA B 158 -30.22 7.50 -4.14
N ILE B 159 -29.56 8.66 -4.07
CA ILE B 159 -30.29 9.92 -4.02
C ILE B 159 -30.86 10.27 -5.38
N PHE B 160 -30.13 9.98 -6.45
CA PHE B 160 -30.59 10.33 -7.79
C PHE B 160 -31.58 9.32 -8.36
N GLN B 161 -31.86 8.22 -7.65
CA GLN B 161 -32.66 7.14 -8.20
C GLN B 161 -33.99 7.65 -8.76
N SER B 162 -34.73 8.42 -7.96
CA SER B 162 -36.05 8.87 -8.40
C SER B 162 -35.95 9.63 -9.71
N SER B 163 -34.93 10.48 -9.84
CA SER B 163 -34.80 11.27 -11.05
C SER B 163 -34.52 10.37 -12.23
N MET B 164 -33.71 9.34 -12.01
CA MET B 164 -33.35 8.38 -13.04
C MET B 164 -34.57 7.59 -13.48
N THR B 165 -35.41 7.19 -12.53
CA THR B 165 -36.62 6.46 -12.91
C THR B 165 -37.50 7.32 -13.81
N LYS B 166 -37.67 8.61 -13.46
CA LYS B 166 -38.50 9.50 -14.28
C LYS B 166 -37.93 9.65 -15.69
N ILE B 167 -36.62 9.83 -15.81
CA ILE B 167 -36.05 10.04 -17.14
C ILE B 167 -36.08 8.78 -17.98
N LEU B 168 -36.02 7.60 -17.36
CA LEU B 168 -36.01 6.35 -18.11
C LEU B 168 -37.41 5.83 -18.42
N GLU B 169 -38.43 6.25 -17.66
CA GLU B 169 -39.76 5.67 -17.79
C GLU B 169 -40.34 5.76 -19.19
N PRO B 170 -40.28 6.89 -19.89
CA PRO B 170 -40.61 6.86 -21.33
C PRO B 170 -39.98 5.68 -22.05
N PHE B 171 -38.66 5.52 -21.95
CA PHE B 171 -37.92 4.55 -22.75
C PHE B 171 -38.27 3.11 -22.40
N LYS B 172 -38.47 2.81 -21.10
CA LYS B 172 -38.90 1.47 -20.77
C LYS B 172 -40.33 1.20 -21.20
N LYS B 173 -41.13 2.25 -21.42
CA LYS B 173 -42.43 2.05 -22.04
C LYS B 173 -42.28 1.51 -23.46
N GLN B 174 -41.49 2.22 -24.28
CA GLN B 174 -41.36 1.86 -25.68
C GLN B 174 -40.68 0.51 -25.87
N ASN B 175 -39.84 0.09 -24.93
CA ASN B 175 -38.97 -1.07 -25.12
C ASN B 175 -39.07 -1.97 -23.90
N PRO B 176 -40.22 -2.60 -23.71
CA PRO B 176 -40.44 -3.39 -22.49
C PRO B 176 -39.46 -4.55 -22.31
N ASP B 177 -38.83 -5.05 -23.37
CA ASP B 177 -37.98 -6.23 -23.27
C ASP B 177 -36.50 -5.88 -23.16
N ILE B 178 -36.18 -4.61 -22.96
CA ILE B 178 -34.82 -4.17 -22.72
C ILE B 178 -34.64 -3.94 -21.24
N VAL B 179 -33.50 -4.39 -20.71
CA VAL B 179 -33.22 -4.43 -19.28
C VAL B 179 -32.23 -3.32 -18.94
N ILE B 180 -32.55 -2.53 -17.92
CA ILE B 180 -31.67 -1.44 -17.52
C ILE B 180 -31.35 -1.60 -16.04
N TYR B 181 -30.08 -1.82 -15.72
CA TYR B 181 -29.62 -1.96 -14.34
C TYR B 181 -28.60 -0.88 -14.03
N GLN B 182 -28.73 -0.25 -12.88
CA GLN B 182 -27.77 0.78 -12.47
C GLN B 182 -26.85 0.22 -11.39
N TYR B 183 -25.55 0.42 -11.58
CA TYR B 183 -24.57 0.17 -10.53
C TYR B 183 -23.60 1.35 -10.51
N MET B 184 -23.58 2.06 -9.38
CA MET B 184 -22.69 3.22 -9.19
C MET B 184 -22.93 4.24 -10.29
N ASP B 185 -21.92 4.63 -11.05
CA ASP B 185 -22.05 5.66 -12.07
C ASP B 185 -22.39 5.10 -13.44
N ASP B 186 -22.85 3.87 -13.53
CA ASP B 186 -23.01 3.24 -14.84
C ASP B 186 -24.41 2.65 -14.96
N LEU B 187 -24.83 2.52 -16.22
CA LEU B 187 -26.10 1.94 -16.57
C LEU B 187 -25.80 0.74 -17.45
N TYR B 188 -26.38 -0.42 -17.13
CA TYR B 188 -26.20 -1.65 -17.90
C TYR B 188 -27.47 -1.92 -18.68
N VAL B 189 -27.34 -1.99 -20.00
CA VAL B 189 -28.49 -1.98 -20.90
C VAL B 189 -28.42 -3.24 -21.75
N GLY B 190 -29.31 -4.19 -21.47
CA GLY B 190 -29.28 -5.48 -22.12
C GLY B 190 -30.48 -5.71 -23.03
N SER B 191 -30.18 -6.08 -24.27
CA SER B 191 -31.19 -6.54 -25.23
C SER B 191 -30.83 -7.93 -25.78
N ASP B 192 -31.87 -8.59 -26.29
CA ASP B 192 -31.76 -9.76 -27.14
C ASP B 192 -31.75 -9.40 -28.63
N LEU B 193 -31.64 -8.12 -28.97
CA LEU B 193 -31.75 -7.74 -30.38
C LEU B 193 -30.48 -8.10 -31.14
N GLU B 194 -30.61 -8.17 -32.46
CA GLU B 194 -29.44 -8.17 -33.32
C GLU B 194 -28.52 -7.03 -32.93
N ILE B 195 -27.21 -7.21 -33.14
CA ILE B 195 -26.25 -6.23 -32.63
C ILE B 195 -26.56 -4.84 -33.18
N GLY B 196 -26.74 -4.73 -34.50
CA GLY B 196 -26.93 -3.41 -35.10
C GLY B 196 -28.19 -2.71 -34.61
N GLN B 197 -29.28 -3.45 -34.44
CA GLN B 197 -30.45 -2.92 -33.75
C GLN B 197 -30.12 -2.55 -32.32
N HIS B 198 -29.33 -3.38 -31.63
CA HIS B 198 -28.96 -3.08 -30.25
C HIS B 198 -28.25 -1.74 -30.16
N ARG B 199 -27.21 -1.52 -30.96
CA ARG B 199 -26.51 -0.25 -30.87
C ARG B 199 -27.41 0.92 -31.19
N THR B 200 -28.41 0.72 -32.07
CA THR B 200 -29.40 1.75 -32.36
C THR B 200 -30.29 2.02 -31.14
N LYS B 201 -30.81 0.95 -30.54
CA LYS B 201 -31.59 1.15 -29.32
C LYS B 201 -30.76 1.87 -28.25
N ILE B 202 -29.45 1.59 -28.22
CA ILE B 202 -28.57 2.27 -27.28
C ILE B 202 -28.46 3.73 -27.65
N GLU B 203 -28.35 4.03 -28.93
CA GLU B 203 -28.23 5.43 -29.32
C GLU B 203 -29.49 6.22 -28.97
N GLU B 204 -30.67 5.66 -29.21
CA GLU B 204 -31.88 6.34 -28.80
C GLU B 204 -31.80 6.71 -27.33
N LEU B 205 -31.40 5.76 -26.49
CA LEU B 205 -31.35 6.03 -25.06
C LEU B 205 -30.36 7.13 -24.74
N ARG B 206 -29.21 7.16 -25.43
CA ARG B 206 -28.25 8.22 -25.19
C ARG B 206 -28.87 9.58 -25.51
N GLN B 207 -29.52 9.67 -26.70
CA GLN B 207 -30.19 10.90 -27.12
C GLN B 207 -31.34 11.25 -26.18
N HIS B 208 -32.13 10.26 -25.78
CA HIS B 208 -33.14 10.57 -24.77
C HIS B 208 -32.48 11.04 -23.48
N LEU B 209 -31.37 10.45 -23.08
CA LEU B 209 -30.67 10.96 -21.89
C LEU B 209 -30.18 12.38 -22.13
N LEU B 210 -29.49 12.62 -23.24
CA LEU B 210 -28.88 13.92 -23.44
C LEU B 210 -29.93 15.02 -23.47
N ARG B 211 -31.02 14.81 -24.22
CA ARG B 211 -31.95 15.91 -24.37
C ARG B 211 -32.67 16.20 -23.07
N TRP B 212 -32.55 15.34 -22.08
CA TRP B 212 -33.04 15.65 -20.74
C TRP B 212 -31.93 16.06 -19.80
N GLY B 213 -30.78 16.47 -20.35
CA GLY B 213 -29.74 17.08 -19.55
C GLY B 213 -28.89 16.12 -18.75
N LEU B 214 -28.37 15.09 -19.42
CA LEU B 214 -27.57 14.06 -18.78
C LEU B 214 -26.51 13.63 -19.79
N THR B 215 -25.34 14.28 -19.73
CA THR B 215 -24.28 13.98 -20.69
C THR B 215 -23.79 12.55 -20.47
N THR B 216 -23.34 11.93 -21.56
CA THR B 216 -22.79 10.61 -21.55
C THR B 216 -21.62 10.63 -22.53
N PRO B 217 -20.49 10.01 -22.15
CA PRO B 217 -19.30 9.86 -23.00
C PRO B 217 -19.63 9.60 -24.47
N TYR B 232 -18.39 0.36 -24.77
CA TYR B 232 -18.13 -0.87 -24.00
C TYR B 232 -19.33 -1.84 -24.03
N GLU B 233 -19.28 -2.90 -24.88
CA GLU B 233 -20.37 -3.87 -24.92
C GLU B 233 -19.92 -5.28 -24.58
N LEU B 234 -20.75 -5.95 -23.80
CA LEU B 234 -20.54 -7.26 -23.21
C LEU B 234 -21.55 -8.24 -23.79
N HIS B 235 -21.26 -9.54 -23.63
CA HIS B 235 -22.12 -10.60 -24.14
C HIS B 235 -22.20 -11.72 -23.13
N PRO B 236 -23.01 -11.55 -22.09
CA PRO B 236 -23.10 -12.60 -21.05
C PRO B 236 -23.60 -13.93 -21.57
N ASP B 237 -24.18 -13.96 -22.77
CA ASP B 237 -24.61 -15.22 -23.38
C ASP B 237 -23.47 -16.23 -23.45
N LYS B 238 -22.26 -15.75 -23.74
CA LYS B 238 -21.09 -16.59 -23.95
C LYS B 238 -20.38 -16.99 -22.67
N TRP B 239 -20.61 -16.29 -21.57
CA TRP B 239 -19.96 -16.68 -20.34
C TRP B 239 -20.46 -18.04 -19.90
N THR B 240 -19.71 -18.64 -18.95
CA THR B 240 -19.91 -20.03 -18.50
C THR B 240 -18.93 -20.29 -17.34
N VAL B 241 -19.00 -21.51 -16.79
CA VAL B 241 -17.99 -22.03 -15.86
C VAL B 241 -17.14 -23.03 -16.64
N GLN B 242 -15.84 -22.76 -16.73
CA GLN B 242 -14.96 -23.60 -17.56
C GLN B 242 -14.90 -25.01 -16.98
N PRO B 243 -15.19 -26.05 -17.77
CA PRO B 243 -15.01 -27.41 -17.29
C PRO B 243 -13.54 -27.78 -17.24
N ILE B 244 -13.20 -28.64 -16.28
CA ILE B 244 -11.82 -29.09 -16.11
C ILE B 244 -11.42 -29.98 -17.28
N VAL B 245 -10.21 -29.76 -17.79
CA VAL B 245 -9.71 -30.40 -19.00
C VAL B 245 -8.50 -31.27 -18.63
N LEU B 246 -8.53 -32.57 -19.11
CA LEU B 246 -7.46 -33.55 -18.96
C LEU B 246 -6.67 -33.67 -20.25
N PRO B 247 -5.38 -33.96 -20.15
CA PRO B 247 -4.54 -34.07 -21.34
C PRO B 247 -4.92 -35.27 -22.19
N GLU B 248 -4.53 -35.18 -23.46
CA GLU B 248 -4.65 -36.29 -24.39
C GLU B 248 -3.29 -36.43 -25.04
N LYS B 249 -2.59 -37.52 -24.75
CA LYS B 249 -1.25 -37.74 -25.29
C LYS B 249 -1.26 -39.00 -26.13
N ASP B 250 -0.28 -39.07 -27.04
CA ASP B 250 -0.09 -40.31 -27.79
C ASP B 250 0.63 -41.36 -26.94
N SER B 251 1.74 -40.98 -26.31
CA SER B 251 2.43 -41.82 -25.34
C SER B 251 2.54 -41.12 -23.98
N TRP B 252 2.09 -41.80 -22.93
CA TRP B 252 2.20 -41.35 -21.55
C TRP B 252 3.46 -41.91 -20.89
N THR B 253 4.13 -41.08 -20.09
CA THR B 253 5.18 -41.58 -19.23
C THR B 253 4.68 -41.68 -17.80
N VAL B 254 5.56 -42.14 -16.89
CA VAL B 254 5.18 -42.26 -15.49
C VAL B 254 4.86 -40.89 -14.92
N ASN B 255 5.65 -39.89 -15.32
CA ASN B 255 5.42 -38.52 -14.89
C ASN B 255 4.04 -38.02 -15.34
N ASP B 256 3.65 -38.28 -16.61
CA ASP B 256 2.33 -37.84 -17.09
C ASP B 256 1.20 -38.50 -16.31
N ILE B 257 1.36 -39.78 -15.93
CA ILE B 257 0.29 -40.43 -15.18
C ILE B 257 0.25 -39.89 -13.76
N GLN B 258 1.40 -39.54 -13.20
CA GLN B 258 1.42 -39.00 -11.86
C GLN B 258 0.78 -37.61 -11.81
N LYS B 259 1.07 -36.77 -12.81
CA LYS B 259 0.37 -35.48 -12.96
C LYS B 259 -1.12 -35.73 -13.14
N LEU B 260 -1.47 -36.66 -14.02
CA LEU B 260 -2.87 -36.93 -14.28
C LEU B 260 -3.56 -37.47 -13.05
N VAL B 261 -2.89 -38.32 -12.28
CA VAL B 261 -3.54 -38.82 -11.07
C VAL B 261 -3.66 -37.72 -10.03
N GLY B 262 -2.69 -36.81 -9.98
CA GLY B 262 -2.76 -35.71 -9.04
C GLY B 262 -3.89 -34.76 -9.33
N LYS B 263 -4.06 -34.40 -10.61
CA LYS B 263 -5.12 -33.46 -10.98
C LYS B 263 -6.48 -34.06 -10.68
N LEU B 264 -6.71 -35.32 -11.09
CA LEU B 264 -7.98 -35.99 -10.84
C LEU B 264 -8.22 -36.13 -9.34
N ASN B 265 -7.18 -36.46 -8.60
CA ASN B 265 -7.30 -36.48 -7.15
C ASN B 265 -7.82 -35.15 -6.63
N TRP B 266 -7.28 -34.04 -7.15
CA TRP B 266 -7.72 -32.69 -6.77
C TRP B 266 -9.18 -32.45 -7.15
N ALA B 267 -9.54 -32.81 -8.38
CA ALA B 267 -10.89 -32.61 -8.88
C ALA B 267 -11.94 -33.38 -8.13
N SER B 268 -11.58 -34.35 -7.31
CA SER B 268 -12.60 -35.13 -6.65
C SER B 268 -12.98 -34.57 -5.28
N GLN B 269 -12.35 -33.47 -4.86
CA GLN B 269 -12.95 -32.64 -3.83
C GLN B 269 -14.21 -31.95 -4.34
N ILE B 270 -14.38 -31.90 -5.66
CA ILE B 270 -15.47 -31.19 -6.33
C ILE B 270 -16.45 -32.17 -6.97
N TYR B 271 -15.99 -32.99 -7.91
CA TYR B 271 -16.83 -34.00 -8.56
C TYR B 271 -16.64 -35.35 -7.90
N PRO B 272 -17.69 -35.95 -7.32
CA PRO B 272 -17.47 -37.17 -6.53
C PRO B 272 -17.08 -38.40 -7.35
N GLY B 273 -17.67 -38.57 -8.54
CA GLY B 273 -17.55 -39.82 -9.26
C GLY B 273 -16.18 -40.14 -9.84
N ILE B 274 -15.18 -39.33 -9.59
CA ILE B 274 -13.90 -39.55 -10.24
C ILE B 274 -13.16 -40.68 -9.56
N LYS B 275 -12.56 -41.54 -10.37
CA LYS B 275 -11.84 -42.73 -9.93
C LYS B 275 -10.40 -42.67 -10.44
N VAL B 276 -9.47 -43.18 -9.63
CA VAL B 276 -8.07 -43.27 -10.01
C VAL B 276 -7.48 -44.66 -9.86
N ARG B 277 -8.26 -45.65 -9.42
CA ARG B 277 -7.72 -46.98 -9.17
C ARG B 277 -7.07 -47.55 -10.43
N GLN B 278 -7.81 -47.58 -11.55
CA GLN B 278 -7.28 -48.16 -12.78
C GLN B 278 -6.06 -47.40 -13.28
N LEU B 279 -6.03 -46.09 -13.06
CA LEU B 279 -4.92 -45.28 -13.54
C LEU B 279 -3.66 -45.52 -12.73
N SER B 280 -3.79 -45.53 -11.40
CA SER B 280 -2.60 -45.64 -10.57
C SER B 280 -2.07 -47.08 -10.56
N LYS B 281 -2.93 -48.07 -10.78
CA LYS B 281 -2.45 -49.45 -10.96
C LYS B 281 -1.34 -49.50 -12.00
N LEU B 282 -1.47 -48.70 -13.07
CA LEU B 282 -0.44 -48.68 -14.11
C LEU B 282 0.94 -48.31 -13.59
N LEU B 283 1.05 -47.87 -12.34
CA LEU B 283 2.32 -47.42 -11.78
C LEU B 283 2.85 -48.32 -10.67
N ARG B 284 2.12 -49.36 -10.28
CA ARG B 284 2.58 -50.31 -9.26
C ARG B 284 4.05 -50.67 -9.49
N GLY B 285 4.84 -50.61 -8.42
CA GLY B 285 6.28 -50.76 -8.52
C GLY B 285 7.01 -49.43 -8.50
N THR B 286 8.33 -49.51 -8.51
CA THR B 286 9.19 -48.34 -8.36
C THR B 286 9.90 -48.07 -9.70
N LYS B 287 9.28 -47.25 -10.53
CA LYS B 287 9.66 -47.14 -11.93
C LYS B 287 10.27 -45.78 -12.24
N ALA B 288 11.09 -45.73 -13.28
CA ALA B 288 11.73 -44.49 -13.65
C ALA B 288 10.71 -43.50 -14.20
N LEU B 289 10.86 -42.23 -13.83
CA LEU B 289 9.85 -41.24 -14.19
C LEU B 289 9.65 -41.16 -15.70
N THR B 290 10.73 -41.25 -16.48
CA THR B 290 10.65 -41.13 -17.93
C THR B 290 10.13 -42.39 -18.63
N GLU B 291 9.75 -43.43 -17.90
CA GLU B 291 9.39 -44.67 -18.54
C GLU B 291 8.00 -44.60 -19.18
N VAL B 292 7.93 -44.93 -20.47
CA VAL B 292 6.67 -44.98 -21.19
C VAL B 292 5.81 -46.11 -20.66
N ILE B 293 4.56 -45.80 -20.30
CA ILE B 293 3.57 -46.72 -19.79
C ILE B 293 2.42 -46.75 -20.78
N PRO B 294 2.17 -47.87 -21.46
CA PRO B 294 0.95 -47.97 -22.26
C PRO B 294 -0.30 -47.80 -21.39
N LEU B 295 -1.30 -47.10 -21.94
CA LEU B 295 -2.59 -46.95 -21.27
C LEU B 295 -3.40 -48.21 -21.51
N THR B 296 -3.44 -49.10 -20.52
CA THR B 296 -4.27 -50.30 -20.64
C THR B 296 -5.72 -49.92 -20.92
N GLU B 297 -6.52 -50.92 -21.25
CA GLU B 297 -7.92 -50.66 -21.60
C GLU B 297 -8.73 -50.22 -20.38
N GLU B 298 -8.57 -50.90 -19.24
CA GLU B 298 -9.31 -50.50 -18.04
C GLU B 298 -8.95 -49.07 -17.65
N ALA B 299 -7.66 -48.74 -17.68
CA ALA B 299 -7.23 -47.40 -17.35
C ALA B 299 -7.81 -46.41 -18.34
N GLU B 300 -7.78 -46.74 -19.62
CA GLU B 300 -8.27 -45.79 -20.61
C GLU B 300 -9.76 -45.57 -20.46
N LEU B 301 -10.52 -46.62 -20.21
CA LEU B 301 -11.95 -46.45 -20.00
C LEU B 301 -12.23 -45.63 -18.75
N GLU B 302 -11.43 -45.80 -17.70
CA GLU B 302 -11.65 -45.01 -16.49
C GLU B 302 -11.36 -43.55 -16.74
N LEU B 303 -10.26 -43.25 -17.44
CA LEU B 303 -9.97 -41.87 -17.84
C LEU B 303 -11.07 -41.31 -18.73
N ALA B 304 -11.56 -42.12 -19.67
CA ALA B 304 -12.64 -41.66 -20.53
C ALA B 304 -13.89 -41.33 -19.72
N GLU B 305 -14.24 -42.18 -18.74
CA GLU B 305 -15.36 -41.87 -17.84
C GLU B 305 -15.11 -40.58 -17.05
N ASN B 306 -13.87 -40.37 -16.60
CA ASN B 306 -13.57 -39.16 -15.83
C ASN B 306 -13.69 -37.89 -16.67
N ARG B 307 -13.43 -37.96 -17.98
CA ARG B 307 -13.64 -36.79 -18.85
C ARG B 307 -15.13 -36.44 -18.99
N GLU B 308 -16.02 -37.45 -18.96
CA GLU B 308 -17.46 -37.19 -19.02
C GLU B 308 -17.98 -36.64 -17.70
N ILE B 309 -17.41 -37.05 -16.57
CA ILE B 309 -17.87 -36.54 -15.28
C ILE B 309 -17.58 -35.05 -15.18
N LEU B 310 -16.43 -34.61 -15.72
CA LEU B 310 -16.08 -33.20 -15.68
C LEU B 310 -16.92 -32.35 -16.63
N LYS B 311 -17.65 -32.98 -17.57
CA LYS B 311 -18.47 -32.22 -18.50
C LYS B 311 -19.62 -31.53 -17.78
N GLU B 312 -20.27 -32.23 -16.84
CA GLU B 312 -21.36 -31.66 -16.08
C GLU B 312 -20.88 -30.55 -15.16
N PRO B 313 -21.79 -29.79 -14.57
CA PRO B 313 -21.43 -28.83 -13.53
C PRO B 313 -21.65 -29.43 -12.14
N VAL B 314 -21.17 -28.69 -11.14
CA VAL B 314 -21.36 -29.04 -9.72
C VAL B 314 -22.83 -28.88 -9.33
N HIS B 315 -23.20 -29.41 -8.15
CA HIS B 315 -24.61 -29.66 -7.83
C HIS B 315 -25.23 -28.59 -6.92
N GLY B 316 -24.65 -28.38 -5.74
CA GLY B 316 -25.28 -27.60 -4.70
C GLY B 316 -24.65 -26.24 -4.45
N VAL B 317 -24.39 -25.49 -5.51
CA VAL B 317 -23.55 -24.29 -5.43
C VAL B 317 -24.42 -23.07 -5.74
N TYR B 318 -24.88 -22.39 -4.69
CA TYR B 318 -25.84 -21.30 -4.81
C TYR B 318 -25.25 -20.00 -4.29
N TYR B 319 -25.65 -18.89 -4.90
CA TYR B 319 -25.19 -17.60 -4.43
C TYR B 319 -25.98 -17.20 -3.20
N ASP B 320 -25.27 -16.90 -2.12
CA ASP B 320 -25.90 -16.36 -0.93
C ASP B 320 -25.69 -14.87 -0.89
N PRO B 321 -26.73 -14.05 -1.00
CA PRO B 321 -26.52 -12.60 -1.12
C PRO B 321 -25.92 -11.96 0.12
N SER B 322 -25.99 -12.60 1.30
CA SER B 322 -25.41 -11.99 2.48
C SER B 322 -23.89 -12.19 2.60
N LYS B 323 -23.32 -13.20 1.94
CA LYS B 323 -21.90 -13.51 2.05
C LYS B 323 -21.08 -12.82 0.95
N ASP B 324 -19.82 -12.50 1.29
CA ASP B 324 -18.89 -11.84 0.38
C ASP B 324 -18.53 -12.72 -0.80
N LEU B 325 -18.38 -12.12 -1.97
CA LEU B 325 -17.81 -12.81 -3.11
C LEU B 325 -16.30 -12.65 -3.11
N ILE B 326 -15.61 -13.69 -3.54
CA ILE B 326 -14.17 -13.72 -3.51
C ILE B 326 -13.68 -14.13 -4.87
N ALA B 327 -12.69 -13.41 -5.40
CA ALA B 327 -12.05 -13.76 -6.67
C ALA B 327 -10.58 -14.06 -6.44
N GLU B 328 -10.19 -15.28 -6.78
CA GLU B 328 -8.79 -15.67 -6.86
C GLU B 328 -8.34 -15.66 -8.32
N ILE B 329 -7.07 -15.34 -8.52
CA ILE B 329 -6.49 -15.13 -9.84
C ILE B 329 -5.14 -15.82 -9.85
N GLN B 330 -4.82 -16.49 -10.96
CA GLN B 330 -3.53 -17.16 -11.10
C GLN B 330 -2.86 -16.72 -12.39
N LYS B 331 -1.55 -16.49 -12.32
CA LYS B 331 -0.76 -16.20 -13.50
C LYS B 331 -0.32 -17.50 -14.18
N GLN B 332 -0.70 -17.66 -15.44
CA GLN B 332 -0.41 -18.86 -16.19
C GLN B 332 0.71 -18.66 -17.19
N GLY B 333 1.30 -17.47 -17.25
CA GLY B 333 2.32 -17.19 -18.23
C GLY B 333 1.77 -17.09 -19.63
N GLN B 334 2.50 -16.40 -20.50
CA GLN B 334 2.06 -16.14 -21.86
C GLN B 334 0.74 -15.40 -21.90
N GLY B 335 0.56 -14.46 -20.98
CA GLY B 335 -0.58 -13.56 -21.04
C GLY B 335 -1.90 -14.20 -20.65
N GLN B 336 -1.90 -15.39 -20.08
CA GLN B 336 -3.14 -16.02 -19.65
C GLN B 336 -3.26 -15.97 -18.13
N TRP B 337 -4.46 -15.64 -17.67
CA TRP B 337 -4.75 -15.57 -16.25
C TRP B 337 -6.03 -16.32 -15.98
N THR B 338 -6.00 -17.23 -15.02
CA THR B 338 -7.21 -17.93 -14.64
C THR B 338 -7.76 -17.27 -13.39
N TYR B 339 -9.09 -17.36 -13.22
CA TYR B 339 -9.72 -16.80 -12.05
C TYR B 339 -10.87 -17.69 -11.61
N GLN B 340 -11.18 -17.65 -10.32
CA GLN B 340 -12.36 -18.31 -9.79
C GLN B 340 -13.05 -17.36 -8.82
N ILE B 341 -14.38 -17.33 -8.87
CA ILE B 341 -15.22 -16.59 -7.95
C ILE B 341 -16.03 -17.57 -7.12
N TYR B 342 -16.00 -17.40 -5.80
CA TYR B 342 -16.61 -18.35 -4.88
C TYR B 342 -16.94 -17.59 -3.60
N GLN B 343 -17.74 -18.21 -2.76
CA GLN B 343 -18.01 -17.64 -1.45
C GLN B 343 -17.56 -18.54 -0.33
N GLU B 344 -17.54 -19.84 -0.57
CA GLU B 344 -17.04 -20.86 0.33
C GLU B 344 -16.07 -21.71 -0.47
N PRO B 345 -14.99 -22.19 0.15
CA PRO B 345 -13.94 -22.86 -0.61
C PRO B 345 -14.49 -24.03 -1.40
N PHE B 346 -13.89 -24.28 -2.57
CA PHE B 346 -14.22 -25.41 -3.42
C PHE B 346 -15.61 -25.32 -4.06
N LYS B 347 -16.30 -24.20 -3.89
CA LYS B 347 -17.70 -24.10 -4.28
C LYS B 347 -17.87 -22.96 -5.28
N ASN B 348 -17.09 -23.02 -6.37
CA ASN B 348 -17.01 -21.96 -7.38
C ASN B 348 -18.34 -21.61 -8.01
N LEU B 349 -18.73 -20.33 -7.91
CA LEU B 349 -19.87 -19.84 -8.68
C LEU B 349 -19.50 -19.60 -10.13
N LYS B 350 -18.26 -19.25 -10.41
CA LYS B 350 -17.83 -18.97 -11.78
C LYS B 350 -16.32 -19.13 -11.85
N THR B 351 -15.84 -19.54 -13.03
CA THR B 351 -14.41 -19.67 -13.28
C THR B 351 -14.15 -19.27 -14.72
N GLY B 352 -12.93 -18.85 -14.99
CA GLY B 352 -12.64 -18.24 -16.27
C GLY B 352 -11.16 -18.13 -16.54
N LYS B 353 -10.84 -17.89 -17.80
CA LYS B 353 -9.48 -17.67 -18.26
C LYS B 353 -9.50 -16.45 -19.16
N TYR B 354 -8.63 -15.49 -18.86
CA TYR B 354 -8.55 -14.24 -19.58
C TYR B 354 -7.26 -14.24 -20.42
N ALA B 355 -7.31 -13.69 -21.63
CA ALA B 355 -6.14 -13.71 -22.53
C ALA B 355 -5.85 -12.32 -23.09
N ARG B 356 -4.58 -12.10 -23.40
CA ARG B 356 -4.08 -10.79 -23.81
C ARG B 356 -3.30 -10.95 -25.10
N MET B 357 -3.71 -10.21 -26.13
CA MET B 357 -2.95 -10.15 -27.38
C MET B 357 -1.89 -9.07 -27.20
N ARG B 358 -0.71 -9.48 -26.74
CA ARG B 358 0.39 -8.56 -26.45
C ARG B 358 0.57 -7.52 -27.56
N HIS B 361 3.73 -5.79 -26.29
CA HIS B 361 3.49 -4.40 -25.93
C HIS B 361 2.83 -4.29 -24.56
N THR B 362 2.66 -5.44 -23.90
CA THR B 362 1.93 -5.57 -22.64
C THR B 362 2.89 -5.98 -21.51
N ASN B 363 2.40 -5.89 -20.26
CA ASN B 363 3.16 -6.34 -19.08
C ASN B 363 2.23 -6.95 -18.05
N ASP B 364 2.82 -7.51 -16.98
CA ASP B 364 2.06 -8.28 -15.99
C ASP B 364 1.01 -7.44 -15.29
N VAL B 365 1.39 -6.21 -14.93
CA VAL B 365 0.49 -5.34 -14.19
C VAL B 365 -0.61 -4.80 -15.09
N LYS B 366 -0.30 -4.47 -16.34
CA LYS B 366 -1.37 -4.12 -17.26
C LYS B 366 -2.36 -5.27 -17.38
N GLN B 367 -1.85 -6.50 -17.42
CA GLN B 367 -2.69 -7.67 -17.63
C GLN B 367 -3.53 -7.96 -16.40
N LEU B 368 -2.91 -7.97 -15.21
CA LEU B 368 -3.67 -8.17 -13.99
C LEU B 368 -4.73 -7.09 -13.83
N THR B 369 -4.33 -5.82 -14.02
CA THR B 369 -5.26 -4.71 -13.84
C THR B 369 -6.44 -4.85 -14.78
N GLU B 370 -6.18 -5.22 -16.03
CA GLU B 370 -7.28 -5.45 -16.95
C GLU B 370 -8.15 -6.61 -16.50
N ALA B 371 -7.54 -7.72 -16.06
CA ALA B 371 -8.34 -8.88 -15.66
C ALA B 371 -9.24 -8.54 -14.49
N VAL B 372 -8.72 -7.77 -13.53
CA VAL B 372 -9.52 -7.40 -12.37
C VAL B 372 -10.77 -6.63 -12.80
N GLN B 373 -10.64 -5.78 -13.80
CA GLN B 373 -11.81 -5.03 -14.24
C GLN B 373 -12.81 -5.93 -14.97
N LYS B 374 -12.33 -6.86 -15.81
CA LYS B 374 -13.28 -7.80 -16.42
C LYS B 374 -14.01 -8.59 -15.36
N ILE B 375 -13.27 -9.18 -14.43
CA ILE B 375 -13.93 -10.01 -13.43
C ILE B 375 -14.94 -9.17 -12.66
N THR B 376 -14.59 -7.92 -12.37
CA THR B 376 -15.50 -7.09 -11.58
C THR B 376 -16.75 -6.73 -12.36
N THR B 377 -16.60 -6.36 -13.64
CA THR B 377 -17.79 -6.17 -14.46
C THR B 377 -18.65 -7.42 -14.47
N GLU B 378 -18.04 -8.57 -14.79
CA GLU B 378 -18.80 -9.81 -14.87
C GLU B 378 -19.55 -10.04 -13.58
N SER B 379 -18.86 -9.85 -12.47
CA SER B 379 -19.50 -10.00 -11.18
C SER B 379 -20.65 -9.00 -11.00
N ILE B 380 -20.47 -7.75 -11.45
CA ILE B 380 -21.57 -6.77 -11.33
C ILE B 380 -22.80 -7.23 -12.11
N VAL B 381 -22.59 -7.67 -13.35
CA VAL B 381 -23.71 -8.07 -14.20
C VAL B 381 -24.48 -9.22 -13.57
N ILE B 382 -23.75 -10.23 -13.04
CA ILE B 382 -24.35 -11.47 -12.57
C ILE B 382 -25.04 -11.29 -11.23
N TRP B 383 -24.38 -10.64 -10.26
CA TRP B 383 -24.89 -10.58 -8.89
C TRP B 383 -25.12 -9.18 -8.34
N GLY B 384 -24.65 -8.13 -9.00
CA GLY B 384 -24.84 -6.79 -8.49
C GLY B 384 -23.92 -6.39 -7.36
N LYS B 385 -22.79 -7.06 -7.20
CA LYS B 385 -21.81 -6.54 -6.27
C LYS B 385 -20.42 -6.94 -6.74
N THR B 386 -19.47 -6.39 -6.10
CA THR B 386 -18.12 -6.60 -6.51
C THR B 386 -17.44 -7.55 -5.54
N PRO B 387 -16.56 -8.40 -6.04
CA PRO B 387 -15.90 -9.39 -5.19
C PRO B 387 -14.65 -8.85 -4.51
N LYS B 388 -14.21 -9.55 -3.47
CA LYS B 388 -12.95 -9.20 -2.82
C LYS B 388 -11.86 -10.01 -3.50
N PHE B 389 -10.87 -9.30 -4.06
CA PHE B 389 -9.84 -9.96 -4.84
C PHE B 389 -8.68 -10.39 -3.97
N LYS B 390 -8.20 -11.62 -4.23
CA LYS B 390 -6.94 -12.14 -3.71
C LYS B 390 -5.93 -11.99 -4.84
N LEU B 391 -5.11 -10.97 -4.76
CA LEU B 391 -4.30 -10.65 -5.93
C LEU B 391 -2.90 -11.22 -5.79
N PRO B 392 -2.37 -11.88 -6.83
CA PRO B 392 -1.02 -12.45 -6.82
C PRO B 392 0.05 -11.44 -7.21
N ILE B 393 0.34 -10.50 -6.30
CA ILE B 393 1.27 -9.41 -6.58
C ILE B 393 1.71 -8.82 -5.24
N GLN B 394 2.90 -8.20 -5.24
CA GLN B 394 3.37 -7.55 -4.04
C GLN B 394 2.58 -6.27 -3.82
N LYS B 395 2.10 -6.08 -2.59
CA LYS B 395 1.24 -4.94 -2.25
C LYS B 395 1.77 -3.64 -2.81
N GLU B 396 3.02 -3.31 -2.50
CA GLU B 396 3.53 -1.99 -2.85
C GLU B 396 3.65 -1.83 -4.37
N THR B 397 3.97 -2.91 -5.10
CA THR B 397 3.94 -2.84 -6.55
C THR B 397 2.55 -2.52 -7.05
N TRP B 398 1.54 -3.15 -6.47
CA TRP B 398 0.17 -2.86 -6.85
C TRP B 398 -0.18 -1.43 -6.49
N GLU B 399 0.12 -1.04 -5.25
CA GLU B 399 -0.24 0.30 -4.79
C GLU B 399 0.38 1.36 -5.67
N THR B 400 1.52 1.04 -6.30
CA THR B 400 2.21 2.04 -7.10
C THR B 400 1.67 2.17 -8.52
N TRP B 401 1.29 1.07 -9.17
CA TRP B 401 0.99 1.13 -10.59
C TRP B 401 -0.46 0.87 -10.96
N TRP B 402 -1.36 0.54 -10.01
CA TRP B 402 -2.70 0.14 -10.46
C TRP B 402 -3.42 1.27 -11.24
N THR B 403 -3.19 2.56 -10.92
CA THR B 403 -3.90 3.60 -11.67
C THR B 403 -3.42 3.76 -13.11
N GLU B 404 -2.25 3.23 -13.46
CA GLU B 404 -1.75 3.43 -14.81
C GLU B 404 -2.60 2.72 -15.86
N TYR B 405 -3.51 1.85 -15.47
CA TYR B 405 -4.35 1.18 -16.46
C TYR B 405 -5.79 1.13 -16.03
N TRP B 406 -6.13 1.71 -14.88
CA TRP B 406 -7.48 1.61 -14.37
C TRP B 406 -8.38 2.55 -15.14
N GLN B 407 -9.48 2.02 -15.67
CA GLN B 407 -10.45 2.86 -16.36
C GLN B 407 -11.83 2.85 -15.75
N ALA B 408 -12.20 1.83 -14.99
CA ALA B 408 -13.50 1.82 -14.34
C ALA B 408 -13.60 2.97 -13.37
N THR B 409 -14.83 3.29 -12.97
CA THR B 409 -15.01 4.35 -11.99
C THR B 409 -15.26 3.84 -10.58
N TRP B 410 -15.43 2.53 -10.42
CA TRP B 410 -15.51 1.90 -9.11
C TRP B 410 -14.16 1.29 -8.77
N ILE B 411 -14.02 0.88 -7.51
CA ILE B 411 -12.82 0.23 -6.98
C ILE B 411 -13.21 -0.91 -6.06
N PRO B 412 -12.94 -2.15 -6.42
CA PRO B 412 -13.27 -3.27 -5.56
C PRO B 412 -12.29 -3.34 -4.39
N GLU B 413 -12.67 -4.09 -3.36
CA GLU B 413 -11.73 -4.45 -2.30
C GLU B 413 -10.68 -5.42 -2.82
N TRP B 414 -9.50 -5.41 -2.20
CA TRP B 414 -8.50 -6.42 -2.53
C TRP B 414 -7.55 -6.65 -1.37
N GLU B 415 -6.90 -7.81 -1.43
CA GLU B 415 -5.78 -8.17 -0.59
C GLU B 415 -4.78 -8.92 -1.46
N PHE B 416 -3.59 -9.15 -0.92
CA PHE B 416 -2.47 -9.66 -1.70
C PHE B 416 -2.03 -10.99 -1.15
N VAL B 417 -2.17 -12.02 -1.97
CA VAL B 417 -1.78 -13.36 -1.57
C VAL B 417 -0.31 -13.48 -1.91
N ASN B 418 0.48 -13.85 -0.91
CA ASN B 418 1.90 -14.02 -1.10
C ASN B 418 2.31 -15.48 -1.11
N THR B 419 1.41 -16.38 -0.76
CA THR B 419 1.65 -17.81 -0.92
C THR B 419 1.59 -18.16 -2.41
N PRO B 420 2.64 -18.80 -2.96
CA PRO B 420 2.60 -19.22 -4.36
C PRO B 420 1.59 -20.35 -4.57
N PRO B 421 0.51 -20.08 -5.28
CA PRO B 421 -0.36 -21.17 -5.75
C PRO B 421 0.38 -22.30 -6.46
N LEU B 422 0.37 -23.51 -5.88
CA LEU B 422 0.79 -24.73 -6.57
C LEU B 422 -0.35 -25.34 -7.39
N VAL B 423 -1.52 -24.71 -7.36
CA VAL B 423 -2.74 -25.08 -8.07
C VAL B 423 -2.82 -24.32 -9.40
N LYS B 424 -1.75 -23.60 -9.74
CA LYS B 424 -1.67 -23.00 -11.07
C LYS B 424 -1.90 -24.08 -12.13
N LEU B 425 -1.19 -25.20 -12.02
CA LEU B 425 -1.26 -26.22 -13.06
C LEU B 425 -2.68 -26.73 -13.23
N TRP B 426 -3.41 -26.87 -12.12
CA TRP B 426 -4.70 -27.53 -12.15
C TRP B 426 -5.75 -26.70 -12.89
N TYR B 427 -5.88 -25.42 -12.56
CA TYR B 427 -6.85 -24.55 -13.24
C TYR B 427 -6.44 -24.16 -14.65
N GLN B 428 -5.26 -24.60 -15.09
CA GLN B 428 -4.70 -24.30 -16.41
C GLN B 428 -5.50 -24.92 -17.55
C8 VRQ C . 14.93 25.87 -1.90
C9 VRQ C . 13.77 26.59 -2.05
C10 VRQ C . 13.20 27.20 -0.95
C11 VRQ C . 13.79 27.07 0.30
C12 VRQ C . 14.96 26.33 0.44
C13 VRQ C . 15.08 25.26 2.54
N1 VRQ C . 19.62 25.50 -1.40
C6 VRQ C . 17.30 24.32 -1.53
C3 VRQ C . 20.93 26.07 0.66
C5 VRQ C . 18.54 24.92 -2.20
C4 VRQ C . 20.85 26.55 1.87
C2 VRQ C . 19.74 25.37 0.04
C15 VRQ C . 13.58 23.49 3.10
C16 VRQ C . 13.96 23.57 4.44
C17 VRQ C . 14.94 24.50 4.83
C18 VRQ C . 15.48 25.34 3.88
C19 VRQ C . 16.42 26.27 4.26
C22 VRQ C . 16.72 25.69 7.99
C1 VRQ C . 20.62 26.29 -2.07
C14 VRQ C . 14.13 24.33 2.15
C20 VRQ C . 16.82 26.39 5.58
C21 VRQ C . 16.28 25.57 6.53
C23 VRQ C . 15.33 24.62 6.16
C7 VRQ C . 15.52 25.75 -0.66
N2 VRQ C . 17.03 25.77 9.07
O1 VRQ C . 18.98 24.72 0.67
O2 VRQ C . 16.72 25.04 -0.46
O3 VRQ C . 15.65 26.15 1.63
CL1 VRQ C . 13.12 26.70 -3.72
H11 VRQ C . 15.39 25.39 -2.75
H12 VRQ C . 12.29 27.77 -1.06
H13 VRQ C . 13.34 27.55 1.17
H9 VRQ C . 17.57 23.34 -1.15
H10 VRQ C . 16.53 24.22 -2.29
H4 VRQ C . 21.86 26.17 0.11
H7 VRQ C . 18.98 24.12 -2.79
H8 VRQ C . 18.20 25.70 -2.87
H6 VRQ C . 19.92 26.45 2.43
H5 VRQ C . 21.72 27.04 2.30
H15 VRQ C . 12.82 22.77 2.81
H16 VRQ C . 13.52 22.91 5.18
H17 VRQ C . 16.85 26.94 3.51
H3 VRQ C . 20.73 27.25 -1.56
H1 VRQ C . 20.32 26.45 -3.10
H2 VRQ C . 21.57 25.76 -2.05
H14 VRQ C . 13.83 24.26 1.12
H18 VRQ C . 17.56 27.12 5.86
H19 VRQ C . 14.89 23.97 6.90
MG MG D . 4.19 -39.06 3.33
MG MG E . 11.81 -9.11 6.66
MG MG F . -6.84 12.90 -0.11
#